data_7MCO
#
_entry.id   7MCO
#
_cell.length_a   48.189
_cell.length_b   66.085
_cell.length_c   75.971
_cell.angle_alpha   88.544
_cell.angle_beta   72.780
_cell.angle_gamma   87.401
#
_symmetry.space_group_name_H-M   'P 1'
#
loop_
_entity.id
_entity.type
_entity.pdbx_description
1 polymer 'UDP-glycosyltransferase 203A2'
2 non-polymer "URIDINE-5'-DIPHOSPHATE"
3 water water
#
_entity_poly.entity_id   1
_entity_poly.type   'polypeptide(L)'
_entity_poly.pdbx_seq_one_letter_code
;MRGSHHHHHHGMASMTGGQQMGRDLYDDDDKDHPFMKIFFIPMDAFGHVNACIGLARMLSEFEHQCIFAVPKRWCKPIEE
YNFKVEIVKDPTVPDDQDLQKKNGDFVNRYSHTLSKTPREQFIELLIPSINRDIHYAKIIDGQIPTILESIDPDLIIIDF
YVTLPSVVNSGKPWIHLTSCNPLNLYAGPNVPPSCFGLSIDTDPDTVISYKQFIAESMKDVKSDFDEWLVSKGVKPEPFA
ISKSSPYLNVYSFPSDLDYSEFGPVPDKCFRLDHMVRLVQEDPLGFDEKFFDRPGKKILFSLGSMGAADVELMKRLVGIL
GKSKHLFIVSKGLFHDKYELPENMIGAKFLNQMAILPRVDLVIHHGGNNTFVESLYFGKPSIVLPLFGDQHDNGRRAEDK
KIGRSFRPHHVTEDELLMAIDELLNDKELNNRVLKIGENIRNSKSIDDFNKKIEEIIKVHK
;
_entity_poly.pdbx_strand_id   A,B
#
loop_
_chem_comp.id
_chem_comp.type
_chem_comp.name
_chem_comp.formula
UDP RNA linking URIDINE-5'-DIPHOSPHATE 'C9 H14 N2 O12 P2'
#
# COMPACT_ATOMS: atom_id res chain seq x y z
N PHE A 35 -7.79 20.59 44.51
CA PHE A 35 -6.35 20.10 44.37
C PHE A 35 -6.18 18.83 45.22
N MET A 36 -5.48 17.85 44.64
CA MET A 36 -5.31 16.56 45.33
C MET A 36 -4.00 15.90 44.92
N LYS A 37 -3.54 14.94 45.72
CA LYS A 37 -2.33 14.15 45.44
C LYS A 37 -2.78 12.83 44.82
N ILE A 38 -2.40 12.61 43.57
CA ILE A 38 -2.76 11.39 42.82
C ILE A 38 -1.50 10.55 42.62
N PHE A 39 -1.56 9.31 43.08
CA PHE A 39 -0.43 8.35 43.08
C PHE A 39 -0.64 7.34 41.95
N PHE A 40 0.28 7.35 40.97
CA PHE A 40 0.24 6.53 39.74
C PHE A 40 1.21 5.36 39.91
N ILE A 41 0.71 4.15 39.66
CA ILE A 41 1.54 2.92 39.69
C ILE A 41 1.35 2.19 38.38
N PRO A 42 2.23 2.46 37.40
CA PRO A 42 2.19 1.76 36.12
C PRO A 42 3.09 0.53 36.14
N MET A 43 2.67 -0.53 35.46
CA MET A 43 3.56 -1.63 35.02
C MET A 43 4.73 -0.99 34.24
N ASP A 44 5.92 -1.58 34.34
CA ASP A 44 7.20 -0.93 33.96
C ASP A 44 7.45 -1.10 32.45
N ALA A 45 6.55 -0.58 31.61
CA ALA A 45 6.64 -0.68 30.13
C ALA A 45 6.00 0.56 29.48
N PHE A 46 6.45 0.90 28.28
CA PHE A 46 6.03 2.12 27.56
C PHE A 46 4.49 2.23 27.52
N GLY A 47 3.82 1.13 27.25
CA GLY A 47 2.37 1.12 26.92
C GLY A 47 1.58 1.58 28.12
N HIS A 48 1.99 1.14 29.31
CA HIS A 48 1.38 1.53 30.60
C HIS A 48 1.87 2.92 31.03
N VAL A 49 3.17 3.15 31.04
CA VAL A 49 3.75 4.44 31.52
C VAL A 49 3.23 5.58 30.66
N ASN A 50 3.24 5.44 29.31
CA ASN A 50 2.82 6.54 28.42
C ASN A 50 1.33 6.90 28.66
N ALA A 51 0.47 5.92 28.90
CA ALA A 51 -0.97 6.17 29.16
C ALA A 51 -1.11 6.96 30.47
N CYS A 52 -0.41 6.51 31.52
CA CYS A 52 -0.40 7.16 32.86
C CYS A 52 0.16 8.59 32.74
N ILE A 53 1.22 8.81 31.97
CA ILE A 53 1.78 10.18 31.77
C ILE A 53 0.73 11.03 31.08
N GLY A 54 0.06 10.49 30.06
CA GLY A 54 -1.02 11.20 29.34
C GLY A 54 -2.07 11.70 30.32
N LEU A 55 -2.62 10.78 31.12
CA LEU A 55 -3.70 11.10 32.08
C LEU A 55 -3.15 12.06 33.15
N ALA A 56 -1.92 11.86 33.64
CA ALA A 56 -1.31 12.69 34.69
C ALA A 56 -1.23 14.14 34.19
N ARG A 57 -0.81 14.33 32.94
N ARG A 57 -0.81 14.33 32.94
CA ARG A 57 -0.70 15.70 32.35
CA ARG A 57 -0.70 15.70 32.34
C ARG A 57 -2.09 16.34 32.30
C ARG A 57 -2.09 16.34 32.30
N MET A 58 -3.13 15.58 31.95
CA MET A 58 -4.52 16.09 31.86
C MET A 58 -5.03 16.51 33.25
N LEU A 59 -4.79 15.67 34.26
CA LEU A 59 -5.16 15.94 35.66
C LEU A 59 -4.31 17.10 36.23
N SER A 60 -3.03 17.23 35.89
CA SER A 60 -2.18 18.37 36.30
C SER A 60 -2.81 19.69 35.87
N GLU A 61 -3.50 19.72 34.73
CA GLU A 61 -4.20 20.95 34.24
C GLU A 61 -5.12 21.47 35.35
N PHE A 62 -5.79 20.58 36.11
CA PHE A 62 -6.74 20.94 37.21
C PHE A 62 -5.96 21.21 38.50
N GLU A 63 -4.63 21.32 38.42
CA GLU A 63 -3.71 21.69 39.53
C GLU A 63 -3.62 20.56 40.57
N HIS A 64 -3.92 19.33 40.19
CA HIS A 64 -3.62 18.12 41.01
C HIS A 64 -2.12 17.83 40.93
N GLN A 65 -1.60 17.22 42.01
CA GLN A 65 -0.18 16.81 42.06
C GLN A 65 -0.12 15.29 41.81
N CYS A 66 0.56 14.86 40.76
CA CYS A 66 0.69 13.44 40.36
C CYS A 66 2.09 12.93 40.72
N ILE A 67 2.13 11.81 41.44
CA ILE A 67 3.38 11.13 41.90
C ILE A 67 3.38 9.73 41.31
N PHE A 68 4.51 9.28 40.79
CA PHE A 68 4.72 8.00 40.10
C PHE A 68 5.60 7.08 40.95
N ALA A 69 5.17 5.82 41.09
CA ALA A 69 5.98 4.72 41.68
C ALA A 69 6.52 3.86 40.54
N VAL A 70 7.80 4.03 40.19
CA VAL A 70 8.46 3.29 39.08
C VAL A 70 9.89 2.88 39.48
N PRO A 71 10.50 1.93 38.73
CA PRO A 71 11.92 1.61 38.91
C PRO A 71 12.83 2.76 38.47
N LYS A 72 14.07 2.78 38.98
CA LYS A 72 15.01 3.92 38.75
C LYS A 72 15.14 4.28 37.27
N ARG A 73 15.29 3.30 36.40
CA ARG A 73 15.50 3.61 34.95
C ARG A 73 14.34 4.44 34.39
N TRP A 74 13.15 4.35 34.98
CA TRP A 74 11.93 5.08 34.55
C TRP A 74 11.84 6.45 35.25
N CYS A 75 12.68 6.74 36.26
CA CYS A 75 12.59 7.96 37.10
C CYS A 75 12.88 9.21 36.22
N LYS A 76 14.06 9.34 35.62
CA LYS A 76 14.35 10.59 34.84
C LYS A 76 13.34 10.73 33.67
N PRO A 77 13.00 9.70 32.84
CA PRO A 77 11.98 9.85 31.81
C PRO A 77 10.67 10.47 32.28
N ILE A 78 10.19 10.08 33.47
CA ILE A 78 8.94 10.63 34.03
C ILE A 78 9.18 12.03 34.60
N GLU A 79 10.35 12.29 35.20
CA GLU A 79 10.70 13.62 35.76
C GLU A 79 10.79 14.66 34.64
N GLU A 80 11.03 14.24 33.42
CA GLU A 80 11.08 15.16 32.25
C GLU A 80 9.70 15.76 31.99
N TYR A 81 8.63 15.15 32.52
CA TYR A 81 7.26 15.68 32.45
C TYR A 81 6.94 16.47 33.71
N ASN A 82 7.91 16.68 34.59
CA ASN A 82 7.78 17.51 35.82
C ASN A 82 6.81 16.85 36.84
N PHE A 83 6.76 15.51 36.87
CA PHE A 83 6.12 14.77 37.99
C PHE A 83 7.19 14.27 38.95
N LYS A 84 6.81 14.19 40.21
CA LYS A 84 7.61 13.61 41.30
C LYS A 84 7.60 12.08 41.17
N VAL A 85 8.72 11.45 41.42
CA VAL A 85 8.88 9.98 41.35
C VAL A 85 9.29 9.42 42.71
N GLU A 86 8.65 8.33 43.13
CA GLU A 86 9.08 7.48 44.26
C GLU A 86 9.65 6.20 43.65
N ILE A 87 10.92 5.91 43.93
CA ILE A 87 11.62 4.77 43.30
C ILE A 87 11.11 3.49 43.94
N VAL A 88 10.77 2.49 43.13
CA VAL A 88 10.61 1.09 43.63
C VAL A 88 11.87 0.34 43.21
N LYS A 89 12.42 -0.39 44.18
CA LYS A 89 13.57 -1.30 44.00
C LYS A 89 13.13 -2.50 43.18
N ASP A 90 13.96 -2.83 42.20
CA ASP A 90 13.92 -4.10 41.45
C ASP A 90 15.37 -4.49 41.21
N PRO A 91 15.96 -5.32 42.10
CA PRO A 91 17.38 -5.70 41.98
C PRO A 91 17.61 -6.61 40.77
N THR A 92 16.56 -7.15 40.13
CA THR A 92 16.67 -7.98 38.90
C THR A 92 16.88 -7.08 37.67
N VAL A 93 16.79 -5.75 37.76
CA VAL A 93 17.01 -4.87 36.57
C VAL A 93 17.94 -3.74 37.00
N PRO A 94 19.08 -3.55 36.32
CA PRO A 94 19.96 -2.43 36.60
C PRO A 94 19.26 -1.06 36.55
N ASP A 95 19.66 -0.17 37.46
CA ASP A 95 19.22 1.24 37.50
C ASP A 95 19.34 1.91 36.12
N ASP A 96 20.34 1.54 35.31
CA ASP A 96 20.64 2.27 34.05
C ASP A 96 20.35 1.36 32.83
N GLN A 97 19.55 0.32 32.96
CA GLN A 97 19.21 -0.50 31.78
C GLN A 97 18.42 0.33 30.75
N ASP A 98 18.70 0.09 29.47
CA ASP A 98 17.96 0.67 28.33
C ASP A 98 16.47 0.34 28.52
N LEU A 99 15.59 1.32 28.35
CA LEU A 99 14.14 1.17 28.61
C LEU A 99 13.55 0.06 27.70
N GLN A 100 14.15 -0.18 26.53
CA GLN A 100 13.62 -1.17 25.55
C GLN A 100 14.22 -2.57 25.81
N LYS A 101 15.23 -2.70 26.68
CA LYS A 101 15.92 -4.01 26.86
C LYS A 101 14.95 -5.08 27.41
N LYS A 102 14.18 -4.79 28.46
CA LYS A 102 13.42 -5.83 29.18
C LYS A 102 12.42 -6.48 28.20
N ASN A 103 11.61 -5.68 27.50
CA ASN A 103 10.57 -6.26 26.59
C ASN A 103 11.21 -6.69 25.26
N GLY A 104 12.25 -6.00 24.80
CA GLY A 104 12.97 -6.41 23.58
C GLY A 104 13.50 -7.83 23.70
N ASP A 105 14.17 -8.13 24.81
CA ASP A 105 14.77 -9.47 25.06
C ASP A 105 13.64 -10.52 25.09
N PHE A 106 12.50 -10.19 25.68
CA PHE A 106 11.29 -11.07 25.75
C PHE A 106 10.82 -11.39 24.33
N VAL A 107 10.53 -10.36 23.52
CA VAL A 107 10.02 -10.52 22.12
C VAL A 107 11.03 -11.32 21.29
N ASN A 108 12.32 -11.01 21.43
CA ASN A 108 13.42 -11.75 20.73
C ASN A 108 13.29 -13.23 21.11
N ARG A 109 13.31 -13.51 22.42
CA ARG A 109 13.25 -14.90 22.95
C ARG A 109 11.99 -15.64 22.45
N TYR A 110 10.86 -14.94 22.31
CA TYR A 110 9.56 -15.59 21.96
C TYR A 110 9.16 -15.24 20.51
N SER A 111 10.08 -14.83 19.65
CA SER A 111 9.77 -14.38 18.26
C SER A 111 9.00 -15.49 17.52
N HIS A 112 9.32 -16.75 17.75
CA HIS A 112 8.70 -17.94 17.09
C HIS A 112 7.20 -18.04 17.43
N THR A 113 6.73 -17.43 18.52
CA THR A 113 5.29 -17.48 18.86
C THR A 113 4.53 -16.34 18.15
N LEU A 114 5.20 -15.35 17.58
CA LEU A 114 4.50 -14.12 17.09
C LEU A 114 3.68 -14.42 15.83
N SER A 115 3.98 -15.49 15.11
CA SER A 115 3.30 -15.86 13.84
C SER A 115 2.17 -16.86 14.09
N LYS A 116 2.03 -17.39 15.32
CA LYS A 116 1.14 -18.53 15.56
C LYS A 116 -0.28 -18.00 15.75
N THR A 117 -1.25 -18.89 15.74
CA THR A 117 -2.67 -18.47 15.87
C THR A 117 -2.86 -17.84 17.23
N PRO A 118 -3.84 -16.94 17.41
CA PRO A 118 -4.18 -16.41 18.72
C PRO A 118 -4.37 -17.51 19.78
N ARG A 119 -4.97 -18.64 19.39
CA ARG A 119 -5.14 -19.79 20.33
C ARG A 119 -3.78 -20.32 20.79
N GLU A 120 -2.87 -20.60 19.86
CA GLU A 120 -1.52 -21.10 20.21
C GLU A 120 -0.76 -20.04 20.99
N GLN A 121 -0.94 -18.75 20.68
CA GLN A 121 -0.24 -17.65 21.39
C GLN A 121 -0.66 -17.64 22.86
N PHE A 122 -1.90 -17.99 23.14
CA PHE A 122 -2.43 -17.84 24.52
C PHE A 122 -1.54 -18.63 25.49
N ILE A 123 -1.32 -19.92 25.22
CA ILE A 123 -0.48 -20.84 26.04
C ILE A 123 1.00 -20.45 25.91
N GLU A 124 1.48 -20.16 24.70
CA GLU A 124 2.94 -20.14 24.44
C GLU A 124 3.52 -18.75 24.69
N LEU A 125 2.70 -17.70 24.68
CA LEU A 125 3.18 -16.29 24.77
C LEU A 125 2.40 -15.51 25.84
N LEU A 126 1.06 -15.47 25.82
CA LEU A 126 0.32 -14.55 26.73
C LEU A 126 0.46 -15.00 28.18
N ILE A 127 0.30 -16.29 28.47
CA ILE A 127 0.46 -16.80 29.86
C ILE A 127 1.89 -16.54 30.35
N PRO A 128 2.94 -16.89 29.58
CA PRO A 128 4.31 -16.50 29.96
C PRO A 128 4.47 -14.99 30.18
N SER A 129 3.81 -14.18 29.35
CA SER A 129 3.82 -12.70 29.49
C SER A 129 3.20 -12.29 30.84
N ILE A 130 2.00 -12.81 31.16
CA ILE A 130 1.30 -12.57 32.46
C ILE A 130 2.23 -13.01 33.60
N ASN A 131 2.99 -14.10 33.46
CA ASN A 131 3.92 -14.55 34.53
C ASN A 131 4.96 -13.47 34.81
N ARG A 132 5.41 -12.78 33.78
N ARG A 132 5.40 -12.77 33.78
CA ARG A 132 6.34 -11.62 33.96
CA ARG A 132 6.35 -11.64 33.96
C ARG A 132 5.64 -10.48 34.70
C ARG A 132 5.64 -10.48 34.68
N ASP A 133 4.36 -10.22 34.41
CA ASP A 133 3.58 -9.17 35.14
C ASP A 133 3.51 -9.57 36.63
N ILE A 134 3.25 -10.85 36.92
CA ILE A 134 3.10 -11.37 38.29
C ILE A 134 4.43 -11.23 39.00
N HIS A 135 5.54 -11.55 38.33
CA HIS A 135 6.90 -11.42 38.92
C HIS A 135 7.12 -9.98 39.39
N TYR A 136 6.80 -9.01 38.54
CA TYR A 136 7.02 -7.59 38.84
C TYR A 136 6.08 -7.16 39.97
N ALA A 137 4.82 -7.56 39.92
CA ALA A 137 3.79 -7.26 40.95
C ALA A 137 4.28 -7.73 42.33
N LYS A 138 4.89 -8.91 42.42
CA LYS A 138 5.40 -9.48 43.69
C LYS A 138 6.60 -8.68 44.18
N ILE A 139 7.45 -8.19 43.28
CA ILE A 139 8.61 -7.32 43.61
C ILE A 139 8.11 -5.97 44.16
N ILE A 140 7.15 -5.31 43.52
CA ILE A 140 6.77 -3.91 43.92
C ILE A 140 5.78 -3.93 45.10
N ASP A 141 4.91 -4.94 45.18
CA ASP A 141 3.75 -4.90 46.10
C ASP A 141 4.19 -4.63 47.55
N GLY A 142 5.26 -5.25 48.05
CA GLY A 142 5.72 -5.13 49.44
C GLY A 142 6.29 -3.75 49.75
N GLN A 143 6.60 -2.95 48.71
CA GLN A 143 7.21 -1.59 48.85
C GLN A 143 6.13 -0.51 48.80
N ILE A 144 4.95 -0.78 48.22
CA ILE A 144 3.90 0.27 48.04
C ILE A 144 3.29 0.73 49.36
N PRO A 145 2.98 -0.13 50.35
CA PRO A 145 2.30 0.36 51.56
C PRO A 145 3.08 1.46 52.30
N THR A 146 4.40 1.31 52.43
CA THR A 146 5.21 2.37 53.10
C THR A 146 5.22 3.68 52.28
N ILE A 147 5.26 3.59 50.95
CA ILE A 147 5.22 4.82 50.10
C ILE A 147 3.84 5.50 50.27
N LEU A 148 2.77 4.73 50.36
CA LEU A 148 1.41 5.30 50.57
C LEU A 148 1.38 6.03 51.92
N GLU A 149 1.91 5.41 53.00
CA GLU A 149 1.91 6.01 54.35
C GLU A 149 2.71 7.32 54.27
N SER A 150 3.82 7.34 53.55
CA SER A 150 4.76 8.49 53.51
C SER A 150 4.19 9.64 52.63
N ILE A 151 3.62 9.36 51.47
CA ILE A 151 3.05 10.35 50.50
C ILE A 151 1.66 10.78 50.95
N ASP A 152 0.88 9.83 51.47
CA ASP A 152 -0.53 10.00 51.87
C ASP A 152 -1.31 10.60 50.70
N PRO A 153 -1.42 9.89 49.55
CA PRO A 153 -2.18 10.43 48.43
C PRO A 153 -3.69 10.41 48.74
N ASP A 154 -4.45 11.25 48.02
CA ASP A 154 -5.92 11.30 48.07
C ASP A 154 -6.51 10.18 47.22
N LEU A 155 -5.77 9.75 46.20
CA LEU A 155 -6.26 8.85 45.14
C LEU A 155 -5.10 8.08 44.56
N ILE A 156 -5.33 6.80 44.30
CA ILE A 156 -4.35 5.90 43.63
C ILE A 156 -4.91 5.58 42.25
N ILE A 157 -4.06 5.66 41.22
CA ILE A 157 -4.43 5.16 39.88
C ILE A 157 -3.40 4.10 39.48
N ILE A 158 -3.87 2.88 39.21
N ILE A 158 -3.86 2.87 39.25
CA ILE A 158 -3.01 1.71 38.85
CA ILE A 158 -2.95 1.75 38.83
C ILE A 158 -3.28 1.32 37.41
C ILE A 158 -3.27 1.30 37.42
N ASP A 159 -2.22 1.10 36.63
CA ASP A 159 -2.27 0.55 35.25
C ASP A 159 -1.49 -0.75 35.27
N PHE A 160 -2.18 -1.83 35.66
CA PHE A 160 -1.60 -3.17 35.91
C PHE A 160 -2.57 -4.23 35.39
N TYR A 161 -2.06 -5.37 34.98
CA TYR A 161 -2.81 -6.52 34.44
C TYR A 161 -3.09 -7.53 35.55
N VAL A 162 -2.56 -7.33 36.77
CA VAL A 162 -2.82 -8.24 37.93
C VAL A 162 -3.08 -7.40 39.17
N THR A 163 -3.77 -7.95 40.15
CA THR A 163 -4.13 -7.28 41.41
C THR A 163 -2.88 -6.91 42.22
N LEU A 164 -2.87 -5.73 42.86
CA LEU A 164 -1.89 -5.33 43.92
C LEU A 164 -2.57 -5.30 45.28
N PRO A 165 -2.32 -6.29 46.17
CA PRO A 165 -2.84 -6.21 47.55
C PRO A 165 -2.58 -4.88 48.28
N SER A 166 -1.40 -4.29 48.06
CA SER A 166 -1.00 -3.01 48.70
C SER A 166 -2.01 -1.91 48.37
N VAL A 167 -2.57 -1.95 47.17
CA VAL A 167 -3.60 -0.98 46.72
C VAL A 167 -4.97 -1.39 47.26
N VAL A 168 -5.34 -2.66 47.14
CA VAL A 168 -6.67 -3.12 47.65
C VAL A 168 -6.79 -2.83 49.16
N ASN A 169 -5.72 -3.08 49.90
CA ASN A 169 -5.69 -2.99 51.40
C ASN A 169 -5.24 -1.60 51.86
N SER A 170 -5.03 -0.64 50.95
CA SER A 170 -4.53 0.72 51.32
C SER A 170 -5.57 1.44 52.18
N GLY A 171 -6.85 1.12 52.03
CA GLY A 171 -7.95 1.91 52.60
C GLY A 171 -8.12 3.26 51.91
N LYS A 172 -7.54 3.47 50.73
CA LYS A 172 -7.65 4.73 49.97
C LYS A 172 -8.43 4.44 48.70
N PRO A 173 -9.14 5.43 48.14
CA PRO A 173 -9.83 5.26 46.87
C PRO A 173 -8.76 4.96 45.81
N TRP A 174 -9.05 3.98 44.95
CA TRP A 174 -8.11 3.62 43.85
C TRP A 174 -8.91 3.44 42.59
N ILE A 175 -8.32 3.79 41.45
CA ILE A 175 -8.94 3.64 40.11
C ILE A 175 -8.05 2.72 39.28
N HIS A 176 -8.65 1.74 38.62
CA HIS A 176 -7.92 0.90 37.64
C HIS A 176 -7.96 1.60 36.29
N LEU A 177 -6.80 1.74 35.66
CA LEU A 177 -6.63 2.36 34.34
C LEU A 177 -6.35 1.21 33.36
N THR A 178 -7.22 1.07 32.36
CA THR A 178 -7.05 0.19 31.19
C THR A 178 -6.43 1.00 30.05
N SER A 179 -5.18 0.70 29.67
CA SER A 179 -4.47 1.38 28.57
C SER A 179 -4.48 0.50 27.32
N CYS A 180 -4.88 -0.77 27.46
CA CYS A 180 -5.05 -1.70 26.31
C CYS A 180 -6.43 -1.48 25.67
N ASN A 181 -6.70 -2.05 24.50
CA ASN A 181 -8.06 -2.12 23.93
C ASN A 181 -9.04 -2.61 25.00
N PRO A 182 -10.24 -2.01 25.15
CA PRO A 182 -11.11 -2.26 26.31
C PRO A 182 -12.07 -3.46 26.23
N LEU A 183 -11.90 -4.34 25.24
CA LEU A 183 -12.89 -5.44 24.99
C LEU A 183 -13.12 -6.25 26.29
N ASN A 184 -12.08 -6.46 27.09
N ASN A 184 -12.05 -6.45 27.07
CA ASN A 184 -12.20 -7.32 28.30
CA ASN A 184 -12.02 -7.18 28.37
C ASN A 184 -13.14 -6.65 29.34
C ASN A 184 -13.09 -6.64 29.32
N LEU A 185 -13.27 -5.33 29.34
CA LEU A 185 -14.18 -4.64 30.29
C LEU A 185 -15.63 -5.01 29.97
N TYR A 186 -15.93 -5.51 28.78
CA TYR A 186 -17.30 -5.87 28.35
C TYR A 186 -17.58 -7.36 28.59
N ALA A 187 -16.64 -8.09 29.17
CA ALA A 187 -16.77 -9.56 29.37
C ALA A 187 -18.12 -9.87 30.03
N GLY A 188 -18.77 -10.91 29.54
CA GLY A 188 -20.01 -11.41 30.12
C GLY A 188 -20.74 -12.26 29.09
N PRO A 189 -22.00 -12.66 29.39
CA PRO A 189 -22.76 -13.53 28.48
C PRO A 189 -22.78 -13.00 27.04
N ASN A 190 -22.48 -13.87 26.06
CA ASN A 190 -22.66 -13.63 24.59
C ASN A 190 -21.48 -12.78 24.05
N VAL A 191 -20.63 -12.23 24.91
CA VAL A 191 -19.64 -11.22 24.44
C VAL A 191 -18.34 -11.96 24.23
N PRO A 192 -17.68 -11.86 23.07
CA PRO A 192 -16.46 -12.61 22.82
C PRO A 192 -15.38 -12.17 23.78
N PRO A 193 -14.49 -13.11 24.20
CA PRO A 193 -13.37 -12.75 25.05
C PRO A 193 -12.33 -11.99 24.21
N SER A 194 -11.50 -11.21 24.89
CA SER A 194 -10.44 -10.40 24.27
C SER A 194 -9.28 -11.29 23.87
N CYS A 195 -8.42 -10.72 23.01
CA CYS A 195 -7.09 -11.22 22.60
C CYS A 195 -7.20 -12.26 21.47
N PHE A 196 -8.37 -12.41 20.81
CA PHE A 196 -8.52 -13.36 19.69
C PHE A 196 -9.05 -12.71 18.41
N GLY A 197 -9.26 -11.39 18.35
CA GLY A 197 -9.79 -10.74 17.15
C GLY A 197 -11.21 -11.15 16.80
N LEU A 198 -12.01 -11.54 17.80
CA LEU A 198 -13.39 -12.06 17.56
C LEU A 198 -14.36 -10.88 17.52
N SER A 199 -15.63 -11.11 17.19
CA SER A 199 -16.62 -10.02 17.03
C SER A 199 -18.02 -10.51 17.33
N ILE A 200 -18.97 -9.58 17.29
CA ILE A 200 -20.42 -9.87 17.53
C ILE A 200 -20.89 -10.92 16.52
N ASP A 201 -20.21 -11.02 15.38
CA ASP A 201 -20.60 -11.92 14.26
C ASP A 201 -19.97 -13.31 14.40
N THR A 202 -18.95 -13.47 15.24
CA THR A 202 -18.37 -14.80 15.52
C THR A 202 -19.48 -15.79 15.95
N ASP A 203 -19.36 -17.01 15.40
CA ASP A 203 -20.29 -18.13 15.70
C ASP A 203 -20.31 -18.38 17.21
N PRO A 204 -21.48 -18.50 17.87
CA PRO A 204 -21.53 -18.81 19.30
C PRO A 204 -20.65 -20.01 19.69
N ASP A 205 -20.60 -21.07 18.87
CA ASP A 205 -19.77 -22.27 19.19
C ASP A 205 -18.30 -21.85 19.42
N THR A 206 -17.80 -20.96 18.58
CA THR A 206 -16.39 -20.52 18.60
C THR A 206 -16.17 -19.69 19.86
N VAL A 207 -17.08 -18.78 20.18
CA VAL A 207 -17.01 -17.95 21.41
C VAL A 207 -16.98 -18.88 22.63
N ILE A 208 -17.89 -19.83 22.66
CA ILE A 208 -18.03 -20.72 23.86
C ILE A 208 -16.73 -21.51 23.99
N SER A 209 -16.25 -22.08 22.90
CA SER A 209 -15.00 -22.86 22.83
C SER A 209 -13.83 -22.02 23.38
N TYR A 210 -13.70 -20.77 22.94
CA TYR A 210 -12.62 -19.86 23.37
C TYR A 210 -12.74 -19.61 24.88
N LYS A 211 -13.92 -19.30 25.40
CA LYS A 211 -14.05 -19.01 26.84
C LYS A 211 -13.70 -20.24 27.66
N GLN A 212 -14.06 -21.46 27.20
CA GLN A 212 -13.73 -22.71 27.94
C GLN A 212 -12.21 -22.89 27.93
N PHE A 213 -11.60 -22.69 26.77
CA PHE A 213 -10.13 -22.80 26.55
C PHE A 213 -9.37 -21.84 27.49
N ILE A 214 -9.82 -20.60 27.59
CA ILE A 214 -9.20 -19.57 28.46
C ILE A 214 -9.31 -20.00 29.94
N ALA A 215 -10.49 -20.40 30.37
CA ALA A 215 -10.69 -20.83 31.78
C ALA A 215 -9.78 -22.03 32.09
N GLU A 216 -9.75 -23.04 31.20
CA GLU A 216 -8.90 -24.24 31.43
C GLU A 216 -7.42 -23.79 31.45
N SER A 217 -7.01 -22.96 30.50
CA SER A 217 -5.61 -22.54 30.29
C SER A 217 -5.05 -21.75 31.48
N MET A 218 -5.90 -20.97 32.14
CA MET A 218 -5.47 -20.03 33.21
C MET A 218 -5.45 -20.72 34.59
N LYS A 219 -6.06 -21.90 34.73
CA LYS A 219 -6.26 -22.56 36.07
C LYS A 219 -5.03 -22.51 36.99
N ASP A 220 -3.90 -23.04 36.56
CA ASP A 220 -2.67 -23.14 37.41
C ASP A 220 -2.11 -21.75 37.72
N VAL A 221 -2.05 -20.86 36.74
CA VAL A 221 -1.56 -19.48 36.98
C VAL A 221 -2.48 -18.83 38.00
N LYS A 222 -3.79 -18.95 37.83
CA LYS A 222 -4.74 -18.31 38.77
C LYS A 222 -4.62 -18.97 40.15
N SER A 223 -4.49 -20.29 40.23
CA SER A 223 -4.34 -21.03 41.52
C SER A 223 -3.15 -20.46 42.28
N ASP A 224 -2.01 -20.34 41.62
CA ASP A 224 -0.77 -19.87 42.27
C ASP A 224 -0.91 -18.39 42.67
N PHE A 225 -1.53 -17.60 41.80
CA PHE A 225 -1.68 -16.15 42.07
C PHE A 225 -2.60 -15.93 43.27
N ASP A 226 -3.73 -16.61 43.29
CA ASP A 226 -4.73 -16.54 44.38
C ASP A 226 -4.08 -16.87 45.73
N GLU A 227 -3.23 -17.90 45.80
CA GLU A 227 -2.49 -18.24 47.04
C GLU A 227 -1.76 -16.99 47.55
N TRP A 228 -1.15 -16.23 46.65
CA TRP A 228 -0.36 -15.03 47.02
C TRP A 228 -1.31 -13.96 47.56
N LEU A 229 -2.42 -13.73 46.83
CA LEU A 229 -3.47 -12.78 47.28
C LEU A 229 -3.95 -13.16 48.69
N VAL A 230 -4.21 -14.45 48.94
CA VAL A 230 -4.77 -14.89 50.25
C VAL A 230 -3.72 -14.62 51.33
N SER A 231 -2.45 -14.86 51.04
CA SER A 231 -1.35 -14.69 52.02
C SER A 231 -1.34 -13.23 52.52
N LYS A 232 -1.81 -12.31 51.67
CA LYS A 232 -1.82 -10.86 51.98
C LYS A 232 -3.24 -10.40 52.35
N GLY A 233 -4.15 -11.33 52.65
CA GLY A 233 -5.51 -11.05 53.15
C GLY A 233 -6.41 -10.46 52.06
N VAL A 234 -6.19 -10.80 50.79
CA VAL A 234 -7.07 -10.34 49.68
C VAL A 234 -7.90 -11.52 49.15
N LYS A 235 -9.20 -11.32 49.01
CA LYS A 235 -10.09 -12.36 48.45
C LYS A 235 -9.87 -12.42 46.93
N PRO A 236 -9.56 -13.61 46.36
CA PRO A 236 -9.48 -13.75 44.92
C PRO A 236 -10.80 -13.44 44.18
N GLU A 237 -10.69 -13.10 42.89
CA GLU A 237 -11.82 -13.02 41.94
C GLU A 237 -12.19 -14.43 41.52
N PRO A 238 -13.47 -14.71 41.14
CA PRO A 238 -13.85 -16.03 40.61
C PRO A 238 -13.07 -16.50 39.38
N PHE A 239 -12.70 -15.59 38.47
CA PHE A 239 -11.99 -16.02 37.23
C PHE A 239 -10.80 -15.11 36.90
N ALA A 240 -10.93 -13.81 37.13
CA ALA A 240 -9.87 -12.83 36.81
C ALA A 240 -8.74 -12.91 37.82
N ILE A 241 -7.55 -12.43 37.43
CA ILE A 241 -6.41 -12.18 38.35
C ILE A 241 -6.12 -10.66 38.40
N SER A 242 -7.05 -9.85 37.88
CA SER A 242 -6.95 -8.38 37.95
C SER A 242 -8.27 -7.86 38.50
N LYS A 243 -8.26 -7.37 39.73
CA LYS A 243 -9.52 -6.94 40.39
C LYS A 243 -10.01 -5.61 39.80
N SER A 244 -11.28 -5.57 39.38
CA SER A 244 -11.87 -4.29 38.92
C SER A 244 -12.03 -3.40 40.15
N SER A 245 -11.76 -2.11 40.00
CA SER A 245 -11.91 -1.17 41.13
C SER A 245 -13.37 -1.08 41.58
N PRO A 246 -13.70 -1.17 42.89
CA PRO A 246 -15.05 -0.90 43.32
C PRO A 246 -15.36 0.60 43.28
N TYR A 247 -14.33 1.45 43.06
CA TYR A 247 -14.49 2.92 42.97
C TYR A 247 -14.75 3.33 41.51
N LEU A 248 -13.82 3.10 40.58
CA LEU A 248 -13.97 3.51 39.16
C LEU A 248 -12.86 2.85 38.33
N ASN A 249 -13.16 2.55 37.08
CA ASN A 249 -12.26 1.88 36.12
C ASN A 249 -12.20 2.71 34.83
N VAL A 250 -11.12 3.43 34.59
CA VAL A 250 -11.01 4.38 33.46
C VAL A 250 -10.31 3.66 32.31
N TYR A 251 -10.72 3.90 31.08
CA TYR A 251 -10.07 3.32 29.89
C TYR A 251 -9.94 4.41 28.82
N SER A 252 -9.08 4.13 27.87
CA SER A 252 -8.70 4.99 26.74
C SER A 252 -9.17 4.36 25.42
N PHE A 253 -10.26 4.84 24.85
CA PHE A 253 -10.75 4.36 23.53
C PHE A 253 -11.72 5.39 22.97
N PRO A 254 -11.57 5.80 21.70
CA PRO A 254 -12.49 6.76 21.08
C PRO A 254 -13.95 6.29 21.14
N SER A 255 -14.87 7.17 21.50
CA SER A 255 -16.34 6.96 21.49
C SER A 255 -16.72 6.28 20.19
N ASP A 256 -16.20 6.78 19.08
CA ASP A 256 -16.57 6.30 17.73
C ASP A 256 -16.22 4.83 17.55
N LEU A 257 -15.24 4.30 18.30
CA LEU A 257 -14.72 2.92 18.13
C LEU A 257 -15.25 2.00 19.23
N ASP A 258 -15.83 2.54 20.31
CA ASP A 258 -16.12 1.77 21.52
C ASP A 258 -17.19 0.69 21.18
N TYR A 259 -17.28 -0.34 22.02
CA TYR A 259 -18.04 -1.60 21.75
C TYR A 259 -19.54 -1.42 22.11
N SER A 260 -20.18 -0.43 21.50
CA SER A 260 -21.60 -0.06 21.79
C SER A 260 -22.49 -1.25 21.39
N GLU A 261 -22.03 -2.12 20.52
CA GLU A 261 -22.81 -3.29 20.06
C GLU A 261 -22.91 -4.28 21.23
N PHE A 262 -22.05 -4.17 22.25
CA PHE A 262 -22.11 -5.00 23.47
C PHE A 262 -22.65 -4.20 24.66
N GLY A 263 -23.33 -3.10 24.41
CA GLY A 263 -23.98 -2.33 25.49
C GLY A 263 -23.24 -1.02 25.76
N PRO A 264 -23.74 -0.25 26.74
CA PRO A 264 -23.15 1.03 27.07
C PRO A 264 -21.79 0.84 27.77
N VAL A 265 -21.17 1.94 28.12
CA VAL A 265 -19.94 1.93 28.97
C VAL A 265 -20.25 0.99 30.14
N PRO A 266 -19.40 -0.03 30.39
CA PRO A 266 -19.69 -1.01 31.43
C PRO A 266 -19.80 -0.35 32.82
N ASP A 267 -20.48 -1.05 33.72
CA ASP A 267 -20.72 -0.62 35.12
C ASP A 267 -19.37 -0.31 35.78
N LYS A 268 -19.29 0.78 36.54
CA LYS A 268 -18.05 1.18 37.28
C LYS A 268 -16.91 1.55 36.32
N CYS A 269 -17.20 1.72 35.02
CA CYS A 269 -16.17 2.14 34.03
C CYS A 269 -16.43 3.57 33.57
N PHE A 270 -15.36 4.20 33.06
CA PHE A 270 -15.43 5.57 32.55
C PHE A 270 -14.55 5.62 31.30
N ARG A 271 -15.10 6.02 30.17
CA ARG A 271 -14.37 6.16 28.89
C ARG A 271 -13.73 7.55 28.80
N LEU A 272 -12.41 7.56 28.60
CA LEU A 272 -11.74 8.77 28.05
C LEU A 272 -11.45 8.43 26.58
N ASP A 273 -11.65 9.38 25.68
CA ASP A 273 -11.45 9.16 24.23
C ASP A 273 -9.98 8.88 23.92
N HIS A 274 -9.09 9.37 24.80
CA HIS A 274 -7.62 9.20 24.58
C HIS A 274 -6.84 9.61 25.83
N MET A 275 -5.60 9.14 25.93
CA MET A 275 -4.65 9.56 26.99
C MET A 275 -3.34 9.97 26.34
N VAL A 276 -3.45 10.72 25.27
CA VAL A 276 -2.29 11.14 24.45
C VAL A 276 -1.48 12.19 25.22
N ARG A 277 -0.19 11.88 25.40
CA ARG A 277 0.75 12.90 25.93
C ARG A 277 1.04 13.71 24.65
N LEU A 278 0.71 14.99 24.63
CA LEU A 278 0.82 15.77 23.36
C LEU A 278 2.30 16.08 23.06
N VAL A 279 3.10 16.28 24.11
CA VAL A 279 4.56 16.60 23.91
C VAL A 279 5.36 15.40 24.39
N GLN A 280 6.40 15.05 23.65
CA GLN A 280 7.34 13.98 23.99
C GLN A 280 8.73 14.58 24.05
N GLU A 281 9.52 14.26 25.09
CA GLU A 281 10.82 14.96 25.30
C GLU A 281 11.99 14.37 24.51
N ASP A 282 11.82 13.20 23.90
CA ASP A 282 12.89 12.46 23.22
C ASP A 282 13.41 13.25 22.02
N PRO A 283 14.70 13.08 21.65
CA PRO A 283 15.18 13.53 20.35
C PRO A 283 14.28 12.90 19.27
N LEU A 284 14.20 13.57 18.12
CA LEU A 284 13.45 13.02 16.97
C LEU A 284 13.93 11.58 16.69
N GLY A 285 15.25 11.42 16.57
CA GLY A 285 15.96 10.14 16.40
C GLY A 285 16.73 10.06 15.09
N PHE A 286 16.51 11.02 14.17
CA PHE A 286 17.16 11.12 12.82
C PHE A 286 17.10 12.59 12.42
N ASP A 287 17.75 12.92 11.29
CA ASP A 287 17.79 14.31 10.77
C ASP A 287 16.39 14.74 10.31
N GLU A 288 15.94 15.91 10.78
CA GLU A 288 14.60 16.44 10.42
C GLU A 288 14.53 16.72 8.91
N LYS A 289 15.66 17.04 8.29
CA LYS A 289 15.69 17.35 6.83
C LYS A 289 15.05 16.21 6.03
N PHE A 290 14.97 15.00 6.58
CA PHE A 290 14.25 13.91 5.90
C PHE A 290 12.87 14.40 5.46
N PHE A 291 12.21 15.25 6.27
CA PHE A 291 10.81 15.70 5.98
C PHE A 291 10.81 16.68 4.79
N ASP A 292 11.96 17.17 4.34
CA ASP A 292 12.06 18.07 3.15
C ASP A 292 12.06 17.25 1.84
N ARG A 293 12.35 15.95 1.90
CA ARG A 293 12.31 15.04 0.73
C ARG A 293 10.87 14.96 0.22
N PRO A 294 10.63 15.14 -1.09
CA PRO A 294 9.29 15.07 -1.64
C PRO A 294 8.74 13.64 -1.56
N GLY A 295 7.48 13.49 -1.16
CA GLY A 295 6.85 12.17 -1.15
C GLY A 295 5.91 12.03 0.03
N LYS A 296 4.87 11.20 -0.10
CA LYS A 296 4.01 10.80 1.03
C LYS A 296 4.89 10.12 2.09
N LYS A 297 4.66 10.39 3.37
CA LYS A 297 5.51 9.93 4.50
C LYS A 297 4.64 8.94 5.30
N ILE A 298 5.20 7.78 5.60
CA ILE A 298 4.51 6.71 6.36
C ILE A 298 5.38 6.39 7.58
N LEU A 299 4.74 6.41 8.76
CA LEU A 299 5.41 5.97 10.02
C LEU A 299 5.20 4.46 10.09
N PHE A 300 6.30 3.74 10.18
CA PHE A 300 6.28 2.27 10.35
C PHE A 300 6.84 1.98 11.73
N SER A 301 5.97 1.58 12.67
CA SER A 301 6.32 1.34 14.08
C SER A 301 5.52 0.15 14.60
N LEU A 302 6.19 -0.92 15.00
CA LEU A 302 5.57 -2.07 15.67
C LEU A 302 5.69 -1.84 17.18
N GLY A 303 5.66 -0.59 17.59
CA GLY A 303 5.60 -0.18 19.01
C GLY A 303 6.96 -0.13 19.63
N SER A 304 7.01 -0.22 20.98
CA SER A 304 8.27 -0.06 21.73
C SER A 304 9.04 -1.40 21.73
N MET A 305 8.44 -2.54 21.36
CA MET A 305 9.11 -3.87 21.53
C MET A 305 9.01 -4.73 20.27
N GLY A 306 8.00 -4.55 19.41
CA GLY A 306 7.73 -5.51 18.32
C GLY A 306 8.85 -5.61 17.31
N ALA A 307 9.61 -4.52 17.09
CA ALA A 307 10.74 -4.46 16.13
C ALA A 307 11.92 -5.30 16.64
N ALA A 308 11.86 -5.82 17.87
CA ALA A 308 12.86 -6.83 18.31
C ALA A 308 12.69 -8.16 17.54
N ASP A 309 11.62 -8.38 16.78
CA ASP A 309 11.55 -9.51 15.80
C ASP A 309 12.26 -9.10 14.51
N VAL A 310 13.57 -9.28 14.49
CA VAL A 310 14.47 -8.73 13.44
C VAL A 310 14.08 -9.34 12.10
N GLU A 311 13.83 -10.66 12.06
CA GLU A 311 13.58 -11.35 10.78
C GLU A 311 12.24 -10.85 10.22
N LEU A 312 11.25 -10.57 11.07
CA LEU A 312 10.00 -9.91 10.62
C LEU A 312 10.31 -8.51 10.03
N MET A 313 11.08 -7.70 10.73
CA MET A 313 11.38 -6.31 10.30
C MET A 313 12.08 -6.35 8.93
N LYS A 314 12.97 -7.31 8.71
CA LYS A 314 13.72 -7.49 7.45
C LYS A 314 12.76 -7.80 6.31
N ARG A 315 11.82 -8.73 6.52
CA ARG A 315 10.81 -9.10 5.49
C ARG A 315 9.93 -7.88 5.18
N LEU A 316 9.40 -7.21 6.20
CA LEU A 316 8.48 -6.07 5.97
C LEU A 316 9.21 -4.90 5.29
N VAL A 317 10.42 -4.60 5.75
CA VAL A 317 11.23 -3.49 5.14
C VAL A 317 11.55 -3.87 3.68
N GLY A 318 11.87 -5.14 3.42
CA GLY A 318 12.08 -5.58 2.03
C GLY A 318 10.88 -5.28 1.15
N ILE A 319 9.67 -5.54 1.65
CA ILE A 319 8.43 -5.21 0.90
C ILE A 319 8.32 -3.70 0.76
N LEU A 320 8.47 -2.96 1.85
CA LEU A 320 8.20 -1.50 1.84
C LEU A 320 9.25 -0.81 0.97
N GLY A 321 10.43 -1.42 0.82
CA GLY A 321 11.49 -0.95 -0.11
C GLY A 321 10.99 -0.83 -1.53
N LYS A 322 9.96 -1.58 -1.88
CA LYS A 322 9.34 -1.60 -3.24
C LYS A 322 8.20 -0.58 -3.29
N SER A 323 7.81 0.01 -2.17
CA SER A 323 6.77 1.06 -2.16
C SER A 323 7.42 2.37 -2.59
N LYS A 324 6.79 3.09 -3.49
CA LYS A 324 7.34 4.39 -3.97
C LYS A 324 6.78 5.49 -3.07
N HIS A 325 6.97 5.36 -1.76
CA HIS A 325 6.71 6.40 -0.73
C HIS A 325 7.91 6.42 0.22
N LEU A 326 7.88 7.28 1.23
CA LEU A 326 8.98 7.45 2.21
C LEU A 326 8.50 6.94 3.55
N PHE A 327 9.36 6.15 4.19
CA PHE A 327 9.08 5.49 5.49
C PHE A 327 10.01 6.02 6.57
N ILE A 328 9.43 6.27 7.73
CA ILE A 328 10.14 6.55 9.01
C ILE A 328 9.91 5.34 9.90
N VAL A 329 10.97 4.67 10.30
CA VAL A 329 10.91 3.31 10.92
C VAL A 329 11.43 3.37 12.36
N SER A 330 10.62 2.91 13.30
CA SER A 330 11.03 2.62 14.70
C SER A 330 11.70 1.24 14.70
N LYS A 331 13.04 1.22 14.69
CA LYS A 331 13.77 -0.02 14.36
C LYS A 331 13.95 -0.91 15.60
N GLY A 332 13.81 -0.40 16.83
CA GLY A 332 13.82 -1.22 18.05
C GLY A 332 15.21 -1.58 18.56
N LEU A 333 15.25 -2.45 19.56
CA LEU A 333 16.44 -2.76 20.39
C LEU A 333 17.58 -3.27 19.53
N PHE A 334 17.28 -4.03 18.48
CA PHE A 334 18.30 -4.67 17.63
C PHE A 334 18.42 -3.89 16.32
N HIS A 335 18.22 -2.58 16.35
CA HIS A 335 18.32 -1.70 15.15
C HIS A 335 19.65 -1.94 14.41
N ASP A 336 20.71 -2.29 15.13
CA ASP A 336 22.06 -2.40 14.53
C ASP A 336 22.18 -3.69 13.69
N LYS A 337 21.19 -4.58 13.74
CA LYS A 337 21.29 -5.91 13.06
C LYS A 337 20.66 -5.94 11.67
N TYR A 338 20.16 -4.80 11.17
CA TYR A 338 19.51 -4.74 9.84
C TYR A 338 19.48 -3.31 9.33
N GLU A 339 19.40 -3.19 8.01
CA GLU A 339 19.51 -1.92 7.26
C GLU A 339 18.15 -1.57 6.64
N LEU A 340 17.93 -0.29 6.41
CA LEU A 340 16.76 0.21 5.66
C LEU A 340 17.20 0.62 4.27
N PRO A 341 16.38 0.37 3.22
CA PRO A 341 16.71 0.89 1.89
C PRO A 341 16.51 2.41 1.83
N GLU A 342 16.85 2.95 0.67
CA GLU A 342 17.12 4.38 0.42
C GLU A 342 15.84 5.21 0.63
N ASN A 343 14.66 4.64 0.48
CA ASN A 343 13.38 5.38 0.64
C ASN A 343 12.99 5.42 2.12
N MET A 344 13.92 5.10 3.02
CA MET A 344 13.53 5.01 4.45
C MET A 344 14.54 5.65 5.40
N ILE A 345 14.07 6.11 6.55
CA ILE A 345 14.98 6.61 7.62
C ILE A 345 14.48 5.99 8.92
N GLY A 346 15.38 5.72 9.86
CA GLY A 346 14.94 5.04 11.08
C GLY A 346 15.90 5.19 12.24
N ALA A 347 15.45 4.79 13.42
CA ALA A 347 16.34 4.80 14.59
C ALA A 347 15.78 3.83 15.63
N LYS A 348 16.59 3.50 16.63
CA LYS A 348 16.17 2.60 17.72
C LYS A 348 14.78 3.01 18.24
N PHE A 349 14.60 4.30 18.53
CA PHE A 349 13.38 4.83 19.20
C PHE A 349 13.15 6.27 18.73
N LEU A 350 11.91 6.58 18.37
CA LEU A 350 11.55 7.86 17.68
C LEU A 350 10.72 8.73 18.61
N ASN A 351 10.75 10.03 18.39
CA ASN A 351 9.76 10.99 18.97
C ASN A 351 8.50 10.88 18.12
N GLN A 352 7.62 9.96 18.52
CA GLN A 352 6.43 9.57 17.72
C GLN A 352 5.42 10.73 17.74
N MET A 353 5.33 11.50 18.83
CA MET A 353 4.43 12.69 18.87
C MET A 353 4.86 13.73 17.83
N ALA A 354 6.15 13.92 17.58
CA ALA A 354 6.65 14.92 16.62
C ALA A 354 6.45 14.42 15.18
N ILE A 355 6.41 13.12 14.97
CA ILE A 355 6.39 12.51 13.62
C ILE A 355 4.94 12.42 13.12
N LEU A 356 4.01 12.06 14.01
CA LEU A 356 2.61 11.68 13.62
C LEU A 356 1.95 12.79 12.81
N PRO A 357 1.99 14.09 13.20
CA PRO A 357 1.36 15.12 12.38
C PRO A 357 2.02 15.36 11.02
N ARG A 358 3.19 14.78 10.73
CA ARG A 358 3.94 14.99 9.47
C ARG A 358 3.84 13.78 8.53
N VAL A 359 3.02 12.77 8.86
CA VAL A 359 2.88 11.57 7.98
C VAL A 359 1.45 11.51 7.44
N ASP A 360 1.24 10.65 6.45
CA ASP A 360 -0.05 10.47 5.76
C ASP A 360 -0.68 9.14 6.17
N LEU A 361 0.06 8.27 6.82
CA LEU A 361 -0.36 6.88 7.09
C LEU A 361 0.57 6.31 8.15
N VAL A 362 0.02 5.46 9.01
CA VAL A 362 0.76 4.72 10.06
C VAL A 362 0.59 3.23 9.76
N ILE A 363 1.70 2.50 9.75
CA ILE A 363 1.73 1.01 9.76
C ILE A 363 2.22 0.64 11.16
N HIS A 364 1.35 -0.05 11.88
CA HIS A 364 1.69 -0.40 13.27
C HIS A 364 1.21 -1.79 13.66
N HIS A 365 1.47 -2.18 14.88
CA HIS A 365 1.14 -3.49 15.47
C HIS A 365 -0.22 -3.49 16.14
N GLY A 366 -0.96 -2.37 16.19
CA GLY A 366 -2.27 -2.39 16.87
C GLY A 366 -2.12 -2.15 18.36
N GLY A 367 -0.92 -1.82 18.84
CA GLY A 367 -0.82 -1.40 20.25
C GLY A 367 -1.82 -0.26 20.51
N ASN A 368 -2.47 -0.24 21.66
CA ASN A 368 -3.63 0.68 21.87
C ASN A 368 -3.14 2.14 21.92
N ASN A 369 -1.95 2.40 22.47
CA ASN A 369 -1.42 3.80 22.48
C ASN A 369 -1.16 4.27 21.05
N THR A 370 -0.42 3.50 20.27
CA THR A 370 -0.12 3.86 18.86
C THR A 370 -1.41 4.00 18.06
N PHE A 371 -2.38 3.13 18.28
CA PHE A 371 -3.65 3.11 17.53
C PHE A 371 -4.43 4.39 17.82
N VAL A 372 -4.56 4.72 19.10
CA VAL A 372 -5.30 5.95 19.48
C VAL A 372 -4.48 7.20 19.12
N GLU A 373 -3.15 7.17 19.24
CA GLU A 373 -2.30 8.33 18.80
C GLU A 373 -2.53 8.61 17.30
N SER A 374 -2.58 7.59 16.46
CA SER A 374 -2.71 7.73 14.99
C SER A 374 -4.07 8.35 14.67
N LEU A 375 -5.12 7.90 15.36
CA LEU A 375 -6.48 8.47 15.17
C LEU A 375 -6.54 9.90 15.72
N TYR A 376 -5.87 10.18 16.83
CA TYR A 376 -5.83 11.53 17.44
C TYR A 376 -5.37 12.55 16.38
N PHE A 377 -4.43 12.17 15.54
CA PHE A 377 -3.84 13.05 14.49
C PHE A 377 -4.52 12.83 13.14
N GLY A 378 -5.64 12.08 13.10
CA GLY A 378 -6.45 11.94 11.87
C GLY A 378 -5.76 11.12 10.78
N LYS A 379 -5.04 10.04 11.14
CA LYS A 379 -4.27 9.20 10.18
C LYS A 379 -4.91 7.84 10.06
N PRO A 380 -5.08 7.29 8.82
CA PRO A 380 -5.55 5.91 8.65
C PRO A 380 -4.40 4.99 9.04
N SER A 381 -4.70 3.71 9.25
CA SER A 381 -3.64 2.81 9.73
C SER A 381 -3.63 1.45 9.04
N ILE A 382 -2.46 0.87 8.85
CA ILE A 382 -2.39 -0.56 8.42
C ILE A 382 -2.01 -1.28 9.71
N VAL A 383 -2.86 -2.19 10.18
CA VAL A 383 -2.60 -2.85 11.49
C VAL A 383 -2.04 -4.25 11.26
N LEU A 384 -0.91 -4.55 11.86
CA LEU A 384 -0.22 -5.85 11.75
C LEU A 384 -0.06 -6.42 13.16
N PRO A 385 -1.13 -7.02 13.73
CA PRO A 385 -1.10 -7.43 15.13
C PRO A 385 -0.06 -8.50 15.40
N LEU A 386 0.66 -8.36 16.51
CA LEU A 386 1.62 -9.38 16.97
C LEU A 386 0.93 -10.32 17.97
N PHE A 387 0.31 -9.77 19.04
CA PHE A 387 -0.28 -10.60 20.11
C PHE A 387 -1.22 -9.81 21.01
N GLY A 388 -2.06 -10.55 21.76
CA GLY A 388 -2.93 -10.02 22.82
C GLY A 388 -3.97 -9.07 22.25
N ASP A 389 -4.15 -7.91 22.90
CA ASP A 389 -5.22 -6.93 22.59
C ASP A 389 -4.99 -6.36 21.17
N GLN A 390 -3.78 -6.47 20.62
CA GLN A 390 -3.48 -5.96 19.25
C GLN A 390 -4.40 -6.66 18.25
N HIS A 391 -4.72 -7.95 18.42
CA HIS A 391 -5.64 -8.66 17.50
C HIS A 391 -7.01 -7.95 17.47
N ASP A 392 -7.45 -7.44 18.60
CA ASP A 392 -8.75 -6.74 18.75
C ASP A 392 -8.67 -5.38 18.04
N ASN A 393 -7.56 -4.66 18.10
CA ASN A 393 -7.43 -3.36 17.40
C ASN A 393 -7.31 -3.59 15.88
N GLY A 394 -6.65 -4.67 15.46
CA GLY A 394 -6.65 -5.07 14.04
C GLY A 394 -8.07 -5.34 13.51
N ARG A 395 -8.87 -6.10 14.26
CA ARG A 395 -10.26 -6.42 13.90
C ARG A 395 -11.07 -5.11 13.92
N ARG A 396 -10.83 -4.25 14.92
CA ARG A 396 -11.63 -3.00 15.03
C ARG A 396 -11.33 -2.05 13.86
N ALA A 397 -10.08 -1.96 13.41
CA ALA A 397 -9.73 -1.11 12.27
C ALA A 397 -10.48 -1.53 11.00
N GLU A 398 -10.60 -2.83 10.75
CA GLU A 398 -11.34 -3.38 9.58
C GLU A 398 -12.83 -3.14 9.78
N ASP A 399 -13.36 -3.48 10.96
CA ASP A 399 -14.82 -3.48 11.20
C ASP A 399 -15.34 -2.04 11.14
N LYS A 400 -14.55 -1.06 11.56
CA LYS A 400 -14.98 0.35 11.53
C LYS A 400 -14.47 1.08 10.27
N LYS A 401 -13.85 0.39 9.32
CA LYS A 401 -13.49 0.99 8.02
C LYS A 401 -12.61 2.23 8.25
N ILE A 402 -11.63 2.11 9.13
CA ILE A 402 -10.63 3.19 9.37
C ILE A 402 -9.22 2.70 8.99
N GLY A 403 -9.08 1.45 8.55
CA GLY A 403 -7.78 0.92 8.10
C GLY A 403 -7.88 -0.47 7.52
N ARG A 404 -6.73 -1.11 7.34
CA ARG A 404 -6.66 -2.53 6.88
C ARG A 404 -5.79 -3.29 7.87
N SER A 405 -6.11 -4.54 8.15
CA SER A 405 -5.37 -5.41 9.09
C SER A 405 -4.92 -6.71 8.40
N PHE A 406 -3.70 -7.13 8.69
CA PHE A 406 -3.09 -8.38 8.16
C PHE A 406 -2.20 -8.95 9.26
N ARG A 407 -1.91 -10.24 9.17
CA ARG A 407 -0.94 -10.90 10.07
C ARG A 407 0.44 -10.58 9.53
N PRO A 408 1.31 -9.92 10.31
CA PRO A 408 2.59 -9.41 9.78
C PRO A 408 3.53 -10.46 9.16
N HIS A 409 3.55 -11.68 9.70
CA HIS A 409 4.41 -12.79 9.21
C HIS A 409 3.82 -13.42 7.97
N HIS A 410 2.53 -13.21 7.68
CA HIS A 410 1.82 -13.85 6.52
C HIS A 410 1.59 -12.83 5.41
N VAL A 411 1.52 -11.52 5.71
CA VAL A 411 0.97 -10.54 4.72
C VAL A 411 1.81 -10.62 3.45
N THR A 412 1.18 -10.67 2.28
CA THR A 412 1.91 -10.76 0.99
C THR A 412 2.43 -9.39 0.57
N GLU A 413 3.42 -9.38 -0.30
CA GLU A 413 3.99 -8.13 -0.85
C GLU A 413 2.85 -7.39 -1.53
N ASP A 414 2.05 -8.10 -2.36
CA ASP A 414 0.92 -7.48 -3.08
C ASP A 414 -0.09 -6.89 -2.06
N GLU A 415 -0.48 -7.64 -1.04
CA GLU A 415 -1.49 -7.18 -0.05
C GLU A 415 -1.05 -5.87 0.61
N LEU A 416 0.21 -5.81 1.03
CA LEU A 416 0.76 -4.69 1.83
C LEU A 416 0.94 -3.47 0.91
N LEU A 417 1.57 -3.64 -0.26
CA LEU A 417 1.78 -2.50 -1.20
C LEU A 417 0.43 -1.95 -1.66
N MET A 418 -0.54 -2.81 -1.95
CA MET A 418 -1.86 -2.36 -2.48
C MET A 418 -2.67 -1.70 -1.37
N ALA A 419 -2.56 -2.17 -0.14
CA ALA A 419 -3.28 -1.59 1.02
C ALA A 419 -2.79 -0.15 1.23
N ILE A 420 -1.49 0.08 1.08
CA ILE A 420 -0.88 1.41 1.29
C ILE A 420 -1.48 2.36 0.25
N ASP A 421 -1.41 2.01 -1.03
CA ASP A 421 -1.94 2.86 -2.12
C ASP A 421 -3.45 3.06 -1.95
N GLU A 422 -4.20 1.99 -1.66
CA GLU A 422 -5.66 2.01 -1.31
C GLU A 422 -5.95 3.09 -0.26
N LEU A 423 -5.27 3.06 0.89
CA LEU A 423 -5.66 3.91 2.02
C LEU A 423 -5.25 5.35 1.73
N LEU A 424 -4.08 5.57 1.12
CA LEU A 424 -3.59 6.93 0.77
C LEU A 424 -4.58 7.61 -0.17
N ASN A 425 -5.24 6.84 -1.04
CA ASN A 425 -6.06 7.37 -2.16
C ASN A 425 -7.55 7.34 -1.84
N ASP A 426 -7.96 6.77 -0.69
CA ASP A 426 -9.38 6.64 -0.29
C ASP A 426 -9.79 7.91 0.44
N LYS A 427 -10.37 8.87 -0.28
CA LYS A 427 -10.81 10.17 0.27
C LYS A 427 -11.88 9.95 1.36
N GLU A 428 -12.84 9.06 1.13
CA GLU A 428 -13.97 8.81 2.08
C GLU A 428 -13.36 8.27 3.39
N LEU A 429 -12.43 7.33 3.32
CA LEU A 429 -11.85 6.73 4.55
C LEU A 429 -11.00 7.78 5.27
N ASN A 430 -10.20 8.57 4.54
CA ASN A 430 -9.39 9.66 5.12
C ASN A 430 -10.31 10.68 5.80
N ASN A 431 -11.47 11.00 5.22
CA ASN A 431 -12.45 11.93 5.82
C ASN A 431 -13.04 11.33 7.10
N ARG A 432 -13.28 10.02 7.14
CA ARG A 432 -13.83 9.38 8.37
C ARG A 432 -12.80 9.46 9.51
N VAL A 433 -11.53 9.21 9.20
CA VAL A 433 -10.47 9.19 10.21
C VAL A 433 -10.22 10.63 10.69
N LEU A 434 -10.28 11.62 9.79
CA LEU A 434 -10.23 13.06 10.18
C LEU A 434 -11.37 13.38 11.15
N LYS A 435 -12.58 12.91 10.86
CA LYS A 435 -13.76 13.23 11.72
C LYS A 435 -13.54 12.59 13.11
N ILE A 436 -13.02 11.36 13.17
CA ILE A 436 -12.74 10.68 14.47
C ILE A 436 -11.70 11.50 15.24
N GLY A 437 -10.66 11.99 14.56
CA GLY A 437 -9.65 12.85 15.22
C GLY A 437 -10.26 14.10 15.81
N GLU A 438 -11.14 14.74 15.05
CA GLU A 438 -11.88 15.94 15.49
C GLU A 438 -12.70 15.57 16.74
N ASN A 439 -13.46 14.47 16.70
CA ASN A 439 -14.32 14.06 17.85
C ASN A 439 -13.44 13.82 19.07
N ILE A 440 -12.32 13.14 18.90
CA ILE A 440 -11.38 12.81 20.02
C ILE A 440 -10.87 14.12 20.62
N ARG A 441 -10.46 15.08 19.79
CA ARG A 441 -9.88 16.35 20.28
C ARG A 441 -10.96 17.22 20.92
N ASN A 442 -12.19 17.13 20.43
CA ASN A 442 -13.32 17.95 20.95
C ASN A 442 -13.83 17.36 22.28
N SER A 443 -13.47 16.12 22.65
CA SER A 443 -14.07 15.41 23.80
C SER A 443 -13.81 16.22 25.08
N LYS A 444 -14.85 16.39 25.89
CA LYS A 444 -14.80 17.07 27.19
C LYS A 444 -14.77 16.03 28.31
N SER A 445 -14.63 14.73 28.00
CA SER A 445 -14.83 13.66 29.01
C SER A 445 -13.81 13.84 30.14
N ILE A 446 -12.64 14.45 29.90
CA ILE A 446 -11.67 14.71 31.00
C ILE A 446 -12.32 15.59 32.08
N ASP A 447 -13.17 16.54 31.71
CA ASP A 447 -13.83 17.45 32.68
C ASP A 447 -14.78 16.63 33.56
N ASP A 448 -15.50 15.68 32.98
CA ASP A 448 -16.44 14.80 33.73
C ASP A 448 -15.62 13.87 34.60
N PHE A 449 -14.48 13.39 34.10
CA PHE A 449 -13.63 12.45 34.88
C PHE A 449 -13.14 13.14 36.16
N ASN A 450 -12.68 14.38 36.03
CA ASN A 450 -12.17 15.20 37.15
C ASN A 450 -13.28 15.40 38.20
N LYS A 451 -14.50 15.65 37.75
CA LYS A 451 -15.66 15.82 38.67
C LYS A 451 -15.90 14.49 39.40
N LYS A 452 -15.85 13.37 38.69
CA LYS A 452 -16.15 12.06 39.31
C LYS A 452 -15.08 11.75 40.36
N ILE A 453 -13.79 11.98 40.08
CA ILE A 453 -12.73 11.64 41.06
C ILE A 453 -12.87 12.55 42.31
N GLU A 454 -13.30 13.80 42.17
CA GLU A 454 -13.49 14.75 43.30
C GLU A 454 -14.66 14.26 44.15
N GLU A 455 -15.74 13.77 43.53
CA GLU A 455 -16.89 13.18 44.24
C GLU A 455 -16.43 11.89 44.96
N ILE A 456 -15.63 11.04 44.32
CA ILE A 456 -15.15 9.76 44.92
C ILE A 456 -14.36 10.06 46.21
N ILE A 457 -13.47 11.05 46.15
CA ILE A 457 -12.61 11.40 47.31
C ILE A 457 -13.52 11.91 48.46
N LYS A 458 -14.49 12.77 48.16
CA LYS A 458 -15.45 13.30 49.17
C LYS A 458 -16.27 12.16 49.82
N VAL A 459 -16.90 11.28 49.04
CA VAL A 459 -17.72 10.14 49.56
C VAL A 459 -16.91 9.32 50.57
N HIS A 460 -15.63 9.05 50.32
CA HIS A 460 -14.86 8.12 51.20
C HIS A 460 -14.09 8.80 52.35
N LYS A 461 -14.15 10.11 52.48
CA LYS A 461 -13.49 10.89 53.58
C LYS A 461 -14.31 10.76 54.87
N PHE B 35 9.83 20.77 -7.41
CA PHE B 35 8.43 20.59 -7.89
C PHE B 35 8.26 21.37 -9.19
N MET B 36 7.58 20.78 -10.17
CA MET B 36 7.47 21.43 -11.51
C MET B 36 6.12 21.17 -12.13
N LYS B 37 5.75 21.96 -13.13
CA LYS B 37 4.50 21.73 -13.90
C LYS B 37 4.86 20.88 -15.12
N ILE B 38 4.34 19.66 -15.19
CA ILE B 38 4.64 18.71 -16.29
C ILE B 38 3.37 18.56 -17.13
N PHE B 39 3.48 18.88 -18.41
CA PHE B 39 2.38 18.87 -19.41
C PHE B 39 2.47 17.62 -20.29
N PHE B 40 1.48 16.72 -20.17
CA PHE B 40 1.39 15.39 -20.83
C PHE B 40 0.49 15.52 -22.05
N ILE B 41 0.97 15.09 -23.20
CA ILE B 41 0.17 15.07 -24.46
C ILE B 41 0.24 13.65 -25.00
N PRO B 42 -0.75 12.80 -24.64
CA PRO B 42 -0.84 11.45 -25.15
C PRO B 42 -1.70 11.40 -26.42
N MET B 43 -1.34 10.54 -27.37
CA MET B 43 -2.28 10.05 -28.40
C MET B 43 -3.55 9.53 -27.70
N ASP B 44 -4.71 9.72 -28.30
CA ASP B 44 -6.05 9.56 -27.65
C ASP B 44 -6.48 8.08 -27.63
N ALA B 45 -5.69 7.20 -27.01
CA ALA B 45 -6.00 5.74 -26.92
C ALA B 45 -5.47 5.18 -25.61
N PHE B 46 -6.05 4.08 -25.12
CA PHE B 46 -5.72 3.54 -23.79
C PHE B 46 -4.22 3.29 -23.66
N GLY B 47 -3.58 2.77 -24.70
CA GLY B 47 -2.18 2.32 -24.62
C GLY B 47 -1.25 3.48 -24.31
N HIS B 48 -1.53 4.64 -24.92
CA HIS B 48 -0.74 5.88 -24.67
C HIS B 48 -1.19 6.54 -23.37
N VAL B 49 -2.50 6.72 -23.17
CA VAL B 49 -3.03 7.43 -21.98
C VAL B 49 -2.57 6.66 -20.72
N ASN B 50 -2.74 5.33 -20.68
CA ASN B 50 -2.43 4.54 -19.46
C ASN B 50 -0.94 4.64 -19.12
N ALA B 51 -0.06 4.68 -20.11
CA ALA B 51 1.39 4.79 -19.87
C ALA B 51 1.68 6.17 -19.24
N CYS B 52 1.11 7.23 -19.82
CA CYS B 52 1.25 8.62 -19.34
C CYS B 52 0.64 8.77 -17.93
N ILE B 53 -0.50 8.14 -17.65
CA ILE B 53 -1.10 8.14 -16.29
C ILE B 53 -0.12 7.48 -15.33
N GLY B 54 0.45 6.32 -15.71
CA GLY B 54 1.42 5.61 -14.86
C GLY B 54 2.58 6.52 -14.51
N LEU B 55 3.19 7.14 -15.52
CA LEU B 55 4.37 8.00 -15.29
C LEU B 55 3.96 9.22 -14.45
N ALA B 56 2.81 9.81 -14.75
CA ALA B 56 2.32 11.03 -14.06
C ALA B 56 2.12 10.71 -12.58
N ARG B 57 1.56 9.53 -12.27
CA ARG B 57 1.34 9.11 -10.86
C ARG B 57 2.70 9.02 -10.14
N MET B 58 3.70 8.46 -10.81
CA MET B 58 5.05 8.27 -10.19
C MET B 58 5.71 9.63 -9.95
N LEU B 59 5.64 10.53 -10.94
CA LEU B 59 6.15 11.92 -10.84
C LEU B 59 5.34 12.76 -9.83
N SER B 60 4.03 12.56 -9.68
CA SER B 60 3.19 13.22 -8.64
C SER B 60 3.72 12.90 -7.25
N GLU B 61 4.23 11.69 -7.03
CA GLU B 61 4.84 11.30 -5.74
C GLU B 61 5.92 12.31 -5.37
N PHE B 62 6.70 12.81 -6.33
CA PHE B 62 7.79 13.80 -6.11
C PHE B 62 7.21 15.22 -6.06
N GLU B 63 5.88 15.34 -5.97
CA GLU B 63 5.14 16.61 -5.72
C GLU B 63 5.18 17.50 -6.96
N HIS B 64 5.43 16.94 -8.14
CA HIS B 64 5.23 17.61 -9.44
C HIS B 64 3.73 17.68 -9.73
N GLN B 65 3.32 18.72 -10.43
CA GLN B 65 1.93 18.94 -10.87
C GLN B 65 1.85 18.51 -12.34
N CYS B 66 1.06 17.47 -12.61
CA CYS B 66 0.88 16.89 -13.97
C CYS B 66 -0.43 17.38 -14.57
N ILE B 67 -0.35 17.89 -15.80
CA ILE B 67 -1.50 18.43 -16.58
C ILE B 67 -1.56 17.65 -17.87
N PHE B 68 -2.76 17.21 -18.27
CA PHE B 68 -3.00 16.40 -19.48
C PHE B 68 -3.77 17.23 -20.50
N ALA B 69 -3.29 17.22 -21.74
CA ALA B 69 -4.00 17.78 -22.92
C ALA B 69 -4.69 16.61 -23.67
N VAL B 70 -6.00 16.46 -23.50
CA VAL B 70 -6.79 15.35 -24.08
C VAL B 70 -8.15 15.84 -24.58
N PRO B 71 -8.82 15.03 -25.42
CA PRO B 71 -10.21 15.31 -25.82
C PRO B 71 -11.19 15.13 -24.66
N LYS B 72 -12.37 15.76 -24.77
CA LYS B 72 -13.35 15.78 -23.64
C LYS B 72 -13.68 14.38 -23.10
N ARG B 73 -13.88 13.39 -23.97
CA ARG B 73 -14.26 12.03 -23.50
C ARG B 73 -13.19 11.43 -22.56
N TRP B 74 -11.95 11.89 -22.65
CA TRP B 74 -10.83 11.43 -21.80
C TRP B 74 -10.69 12.31 -20.56
N CYS B 75 -11.48 13.38 -20.40
CA CYS B 75 -11.29 14.36 -19.31
C CYS B 75 -11.63 13.71 -17.94
N LYS B 76 -12.85 13.20 -17.75
CA LYS B 76 -13.25 12.60 -16.44
C LYS B 76 -12.38 11.38 -16.10
N PRO B 77 -12.14 10.45 -17.03
CA PRO B 77 -11.21 9.32 -16.76
C PRO B 77 -9.84 9.74 -16.20
N ILE B 78 -9.26 10.80 -16.74
CA ILE B 78 -7.92 11.28 -16.26
C ILE B 78 -8.10 12.07 -14.96
N GLU B 79 -9.18 12.84 -14.80
CA GLU B 79 -9.43 13.63 -13.56
C GLU B 79 -9.64 12.68 -12.36
N GLU B 80 -10.05 11.44 -12.62
CA GLU B 80 -10.25 10.44 -11.54
C GLU B 80 -8.90 10.10 -10.91
N TYR B 81 -7.79 10.36 -11.60
CA TYR B 81 -6.43 10.17 -11.05
C TYR B 81 -5.92 11.46 -10.43
N ASN B 82 -6.76 12.50 -10.30
CA ASN B 82 -6.36 13.75 -9.58
C ASN B 82 -5.42 14.66 -10.39
N PHE B 83 -5.38 14.51 -11.71
CA PHE B 83 -4.60 15.43 -12.58
C PHE B 83 -5.54 16.46 -13.18
N LYS B 84 -4.98 17.63 -13.46
CA LYS B 84 -5.75 18.71 -14.13
C LYS B 84 -5.77 18.39 -15.61
N VAL B 85 -6.91 18.62 -16.26
CA VAL B 85 -7.07 18.36 -17.73
C VAL B 85 -7.32 19.67 -18.45
N GLU B 86 -6.57 19.88 -19.54
CA GLU B 86 -6.87 20.91 -20.57
C GLU B 86 -7.50 20.19 -21.75
N ILE B 87 -8.73 20.54 -22.09
CA ILE B 87 -9.50 19.89 -23.19
C ILE B 87 -8.90 20.37 -24.50
N VAL B 88 -8.62 19.44 -25.40
CA VAL B 88 -8.38 19.77 -26.83
C VAL B 88 -9.63 19.36 -27.58
N LYS B 89 -10.06 20.24 -28.46
CA LYS B 89 -11.22 20.05 -29.38
C LYS B 89 -10.84 18.99 -30.41
N ASP B 90 -11.77 18.08 -30.66
CA ASP B 90 -11.74 17.17 -31.83
C ASP B 90 -13.18 17.04 -32.28
N PRO B 91 -13.64 17.88 -33.23
CA PRO B 91 -15.01 17.86 -33.68
C PRO B 91 -15.33 16.58 -34.45
N THR B 92 -14.34 15.77 -34.83
CA THR B 92 -14.59 14.46 -35.51
C THR B 92 -14.99 13.36 -34.50
N VAL B 93 -14.94 13.62 -33.19
CA VAL B 93 -15.30 12.59 -32.18
C VAL B 93 -16.21 13.24 -31.15
N PRO B 94 -17.41 12.68 -30.91
CA PRO B 94 -18.33 13.24 -29.92
C PRO B 94 -17.72 13.32 -28.52
N ASP B 95 -18.12 14.34 -27.79
CA ASP B 95 -17.61 14.62 -26.43
C ASP B 95 -17.85 13.40 -25.52
N ASP B 96 -18.92 12.63 -25.74
CA ASP B 96 -19.26 11.52 -24.82
C ASP B 96 -19.22 10.18 -25.57
N GLN B 97 -18.36 10.07 -26.57
CA GLN B 97 -18.24 8.77 -27.30
C GLN B 97 -17.61 7.75 -26.33
N ASP B 98 -18.06 6.49 -26.41
CA ASP B 98 -17.53 5.38 -25.60
C ASP B 98 -16.03 5.31 -25.85
N LEU B 99 -15.21 5.19 -24.81
CA LEU B 99 -13.74 5.25 -24.94
C LEU B 99 -13.23 4.16 -25.91
N GLN B 100 -13.95 3.03 -26.00
CA GLN B 100 -13.52 1.87 -26.83
C GLN B 100 -14.03 1.99 -28.28
N LYS B 101 -14.93 2.91 -28.57
CA LYS B 101 -15.56 3.01 -29.91
C LYS B 101 -14.54 3.38 -30.99
N LYS B 102 -13.71 4.41 -30.80
CA LYS B 102 -12.83 4.94 -31.90
C LYS B 102 -11.92 3.81 -32.41
N ASN B 103 -11.20 3.12 -31.51
CA ASN B 103 -10.23 2.06 -31.92
C ASN B 103 -10.97 0.75 -32.22
N GLY B 104 -12.11 0.48 -31.57
CA GLY B 104 -12.92 -0.71 -31.87
C GLY B 104 -13.45 -0.67 -33.30
N ASP B 105 -13.98 0.47 -33.73
CA ASP B 105 -14.53 0.64 -35.10
C ASP B 105 -13.41 0.44 -36.12
N PHE B 106 -12.20 0.91 -35.82
CA PHE B 106 -11.01 0.76 -36.68
C PHE B 106 -10.69 -0.71 -36.86
N VAL B 107 -10.51 -1.43 -35.73
CA VAL B 107 -10.20 -2.89 -35.74
C VAL B 107 -11.29 -3.65 -36.52
N ASN B 108 -12.55 -3.31 -36.29
CA ASN B 108 -13.71 -3.94 -36.98
C ASN B 108 -13.54 -3.71 -38.48
N ARG B 109 -13.41 -2.47 -38.91
CA ARG B 109 -13.21 -2.08 -40.35
C ARG B 109 -11.99 -2.77 -40.97
N TYR B 110 -10.94 -3.05 -40.20
CA TYR B 110 -9.70 -3.69 -40.75
C TYR B 110 -9.58 -5.15 -40.28
N SER B 111 -10.66 -5.80 -39.81
CA SER B 111 -10.62 -7.11 -39.13
C SER B 111 -9.96 -8.13 -40.06
N HIS B 112 -10.22 -8.04 -41.38
CA HIS B 112 -9.69 -8.94 -42.43
C HIS B 112 -8.15 -8.86 -42.52
N THR B 113 -7.53 -7.79 -42.04
CA THR B 113 -6.06 -7.68 -42.09
C THR B 113 -5.42 -8.32 -40.83
N LEU B 114 -6.18 -8.63 -39.78
CA LEU B 114 -5.55 -9.02 -38.47
C LEU B 114 -4.88 -10.40 -38.57
N SER B 115 -5.25 -11.24 -39.56
CA SER B 115 -4.71 -12.60 -39.71
C SER B 115 -3.55 -12.62 -40.73
N LYS B 116 -3.28 -11.53 -41.41
CA LYS B 116 -2.30 -11.50 -42.53
C LYS B 116 -0.88 -11.47 -41.96
N THR B 117 0.11 -11.76 -42.79
CA THR B 117 1.51 -11.76 -42.33
C THR B 117 1.87 -10.35 -41.89
N PRO B 118 2.82 -10.17 -40.96
CA PRO B 118 3.29 -8.82 -40.60
C PRO B 118 3.67 -7.98 -41.83
N ARG B 119 4.25 -8.61 -42.86
CA ARG B 119 4.62 -7.90 -44.12
C ARG B 119 3.37 -7.32 -44.80
N GLU B 120 2.34 -8.14 -45.00
CA GLU B 120 1.05 -7.68 -45.60
C GLU B 120 0.38 -6.64 -44.68
N GLN B 121 0.47 -6.82 -43.37
CA GLN B 121 -0.19 -5.88 -42.41
C GLN B 121 0.44 -4.49 -42.53
N PHE B 122 1.70 -4.38 -42.90
CA PHE B 122 2.36 -3.06 -42.90
C PHE B 122 1.58 -2.12 -43.82
N ILE B 123 1.35 -2.52 -45.08
CA ILE B 123 0.67 -1.69 -46.11
C ILE B 123 -0.80 -1.58 -45.74
N GLU B 124 -1.40 -2.71 -45.34
CA GLU B 124 -2.87 -2.82 -45.29
C GLU B 124 -3.43 -2.34 -43.96
N LEU B 125 -2.62 -2.21 -42.90
CA LEU B 125 -3.10 -1.94 -41.53
C LEU B 125 -2.23 -0.88 -40.84
N LEU B 126 -0.90 -1.04 -40.78
CA LEU B 126 -0.05 -0.08 -39.99
C LEU B 126 -0.05 1.31 -40.64
N ILE B 127 0.05 1.40 -41.97
CA ILE B 127 0.07 2.72 -42.67
C ILE B 127 -1.28 3.43 -42.46
N PRO B 128 -2.44 2.75 -42.64
CA PRO B 128 -3.72 3.30 -42.21
C PRO B 128 -3.71 3.79 -40.76
N SER B 129 -3.13 3.00 -39.86
CA SER B 129 -3.05 3.35 -38.41
C SER B 129 -2.25 4.65 -38.21
N ILE B 130 -1.07 4.73 -38.81
CA ILE B 130 -0.20 5.93 -38.75
C ILE B 130 -0.91 7.15 -39.36
N ASN B 131 -1.70 6.97 -40.42
CA ASN B 131 -2.48 8.10 -41.01
C ASN B 131 -3.47 8.61 -39.96
N ARG B 132 -4.04 7.72 -39.15
CA ARG B 132 -4.98 8.13 -38.08
C ARG B 132 -4.20 8.93 -37.01
N ASP B 133 -2.96 8.56 -36.69
CA ASP B 133 -2.09 9.35 -35.77
C ASP B 133 -1.89 10.76 -36.34
N ILE B 134 -1.60 10.84 -37.64
CA ILE B 134 -1.29 12.12 -38.34
C ILE B 134 -2.55 12.98 -38.30
N HIS B 135 -3.71 12.37 -38.53
CA HIS B 135 -5.02 13.08 -38.54
C HIS B 135 -5.23 13.75 -37.18
N TYR B 136 -4.97 13.03 -36.10
CA TYR B 136 -5.19 13.54 -34.73
C TYR B 136 -4.12 14.61 -34.40
N ALA B 137 -2.88 14.38 -34.78
CA ALA B 137 -1.79 15.38 -34.63
C ALA B 137 -2.16 16.72 -35.29
N LYS B 138 -2.75 16.68 -36.48
CA LYS B 138 -3.15 17.92 -37.20
C LYS B 138 -4.30 18.62 -36.46
N ILE B 139 -5.22 17.84 -35.89
CA ILE B 139 -6.37 18.43 -35.14
C ILE B 139 -5.91 19.17 -33.89
N ILE B 140 -4.99 18.60 -33.12
CA ILE B 140 -4.64 19.22 -31.81
C ILE B 140 -3.40 20.11 -31.88
N ASP B 141 -2.56 19.95 -32.92
CA ASP B 141 -1.28 20.69 -32.89
C ASP B 141 -1.52 22.21 -32.86
N GLY B 142 -2.52 22.71 -33.56
CA GLY B 142 -2.81 24.16 -33.64
C GLY B 142 -3.42 24.70 -32.36
N GLN B 143 -3.88 23.81 -31.46
CA GLN B 143 -4.49 24.17 -30.15
C GLN B 143 -3.46 24.21 -29.04
N ILE B 144 -2.34 23.50 -29.19
CA ILE B 144 -1.36 23.33 -28.09
C ILE B 144 -0.64 24.64 -27.74
N PRO B 145 -0.22 25.49 -28.70
CA PRO B 145 0.50 26.70 -28.33
C PRO B 145 -0.26 27.59 -27.35
N THR B 146 -1.57 27.76 -27.54
CA THR B 146 -2.41 28.60 -26.66
C THR B 146 -2.40 28.02 -25.23
N ILE B 147 -2.58 26.69 -25.13
CA ILE B 147 -2.62 26.03 -23.79
C ILE B 147 -1.23 26.17 -23.12
N LEU B 148 -0.14 26.02 -23.88
CA LEU B 148 1.23 26.14 -23.34
C LEU B 148 1.45 27.53 -22.77
N GLU B 149 1.02 28.58 -23.50
CA GLU B 149 1.21 29.98 -23.06
C GLU B 149 0.41 30.15 -21.75
N SER B 150 -0.77 29.57 -21.67
CA SER B 150 -1.68 29.74 -20.51
C SER B 150 -1.17 28.96 -19.27
N ILE B 151 -0.73 27.71 -19.44
CA ILE B 151 -0.25 26.79 -18.36
C ILE B 151 1.18 27.13 -17.97
N ASP B 152 2.01 27.50 -18.96
CA ASP B 152 3.47 27.73 -18.81
C ASP B 152 4.11 26.57 -18.05
N PRO B 153 4.11 25.34 -18.61
CA PRO B 153 4.71 24.21 -17.91
C PRO B 153 6.25 24.33 -17.95
N ASP B 154 6.92 23.65 -17.02
CA ASP B 154 8.39 23.55 -16.95
C ASP B 154 8.89 22.48 -17.93
N LEU B 155 8.04 21.48 -18.20
CA LEU B 155 8.42 20.25 -18.94
C LEU B 155 7.19 19.75 -19.70
N ILE B 156 7.39 19.34 -20.93
CA ILE B 156 6.35 18.67 -21.75
C ILE B 156 6.78 17.22 -21.92
N ILE B 157 5.86 16.30 -21.74
CA ILE B 157 6.09 14.86 -22.07
C ILE B 157 5.05 14.46 -23.11
N ILE B 158 5.50 14.06 -24.30
CA ILE B 158 4.57 13.59 -25.38
C ILE B 158 4.73 12.10 -25.64
N ASP B 159 3.59 11.42 -25.81
CA ASP B 159 3.50 10.00 -26.18
C ASP B 159 2.74 9.93 -27.49
N PHE B 160 3.48 10.11 -28.58
CA PHE B 160 2.97 10.27 -29.96
C PHE B 160 3.91 9.54 -30.89
N TYR B 161 3.34 9.03 -31.96
CA TYR B 161 4.05 8.31 -33.05
C TYR B 161 4.45 9.29 -34.17
N VAL B 162 4.04 10.56 -34.12
CA VAL B 162 4.54 11.56 -35.13
C VAL B 162 4.94 12.84 -34.42
N THR B 163 5.79 13.64 -35.05
CA THR B 163 6.25 14.95 -34.54
C THR B 163 5.09 15.94 -34.34
N LEU B 164 5.11 16.69 -33.22
CA LEU B 164 4.20 17.83 -32.97
C LEU B 164 4.99 19.13 -33.06
N PRO B 165 4.84 19.93 -34.13
CA PRO B 165 5.51 21.23 -34.21
C PRO B 165 5.31 22.13 -32.98
N SER B 166 4.12 22.13 -32.39
CA SER B 166 3.78 22.97 -31.21
C SER B 166 4.74 22.66 -30.06
N VAL B 167 5.20 21.41 -29.96
CA VAL B 167 6.14 20.96 -28.92
C VAL B 167 7.55 21.33 -29.35
N VAL B 168 7.95 20.99 -30.55
CA VAL B 168 9.32 21.30 -31.05
C VAL B 168 9.58 22.81 -30.92
N ASN B 169 8.59 23.63 -31.28
CA ASN B 169 8.67 25.12 -31.34
C ASN B 169 8.32 25.77 -30.01
N SER B 170 8.02 25.01 -28.94
CA SER B 170 7.50 25.50 -27.64
C SER B 170 8.54 26.37 -26.93
N GLY B 171 9.83 26.19 -27.21
CA GLY B 171 10.91 26.81 -26.43
C GLY B 171 11.03 26.19 -25.01
N LYS B 172 10.39 25.05 -24.75
CA LYS B 172 10.40 24.39 -23.42
C LYS B 172 11.07 23.04 -23.56
N PRO B 173 11.67 22.50 -22.48
CA PRO B 173 12.23 21.15 -22.51
C PRO B 173 11.05 20.21 -22.78
N TRP B 174 11.26 19.23 -23.65
CA TRP B 174 10.22 18.21 -23.94
C TRP B 174 10.87 16.85 -23.97
N ILE B 175 10.16 15.85 -23.47
CA ILE B 175 10.63 14.44 -23.46
C ILE B 175 9.65 13.59 -24.29
N HIS B 176 10.18 12.77 -25.17
CA HIS B 176 9.35 11.78 -25.92
C HIS B 176 9.22 10.52 -25.07
N LEU B 177 8.00 10.04 -24.90
CA LEU B 177 7.67 8.80 -24.17
C LEU B 177 7.29 7.75 -25.20
N THR B 178 8.02 6.63 -25.20
CA THR B 178 7.69 5.41 -25.96
C THR B 178 6.93 4.45 -25.02
N SER B 179 5.64 4.22 -25.28
CA SER B 179 4.78 3.31 -24.46
C SER B 179 4.74 1.93 -25.12
N CYS B 180 5.16 1.85 -26.38
CA CYS B 180 5.20 0.56 -27.12
C CYS B 180 6.52 -0.17 -26.85
N ASN B 181 6.64 -1.39 -27.34
CA ASN B 181 7.92 -2.15 -27.22
C ASN B 181 9.02 -1.27 -27.83
N PRO B 182 10.23 -1.21 -27.25
CA PRO B 182 11.28 -0.26 -27.69
C PRO B 182 12.20 -0.61 -28.87
N LEU B 183 11.95 -1.74 -29.54
CA LEU B 183 12.84 -2.21 -30.65
C LEU B 183 13.19 -1.06 -31.61
N ASN B 184 12.23 -0.20 -31.93
CA ASN B 184 12.47 0.88 -32.93
C ASN B 184 13.53 1.87 -32.40
N LEU B 185 13.72 2.00 -31.10
CA LEU B 185 14.73 2.94 -30.54
C LEU B 185 16.14 2.44 -30.89
N TYR B 186 16.27 1.15 -31.26
CA TYR B 186 17.55 0.50 -31.61
C TYR B 186 17.81 0.53 -33.09
N ALA B 187 16.92 1.16 -33.88
CA ALA B 187 17.02 1.19 -35.34
C ALA B 187 18.44 1.60 -35.78
N GLY B 188 18.96 0.94 -36.79
CA GLY B 188 20.24 1.28 -37.40
C GLY B 188 20.75 0.10 -38.21
N PRO B 189 21.97 0.23 -38.80
CA PRO B 189 22.62 -0.88 -39.49
C PRO B 189 22.55 -2.22 -38.73
N ASN B 190 22.21 -3.32 -39.42
CA ASN B 190 22.24 -4.73 -38.91
C ASN B 190 21.14 -4.99 -37.87
N VAL B 191 20.30 -4.02 -37.56
CA VAL B 191 19.25 -4.20 -36.53
C VAL B 191 17.96 -4.37 -37.30
N PRO B 192 17.15 -5.41 -37.04
CA PRO B 192 15.89 -5.57 -37.75
C PRO B 192 14.96 -4.40 -37.41
N PRO B 193 14.06 -4.03 -38.33
CA PRO B 193 12.99 -3.10 -38.01
C PRO B 193 11.97 -3.74 -37.07
N SER B 194 11.28 -2.89 -36.32
CA SER B 194 10.18 -3.26 -35.42
C SER B 194 8.93 -3.62 -36.24
N CYS B 195 7.98 -4.28 -35.58
CA CYS B 195 6.59 -4.56 -36.03
C CYS B 195 6.52 -5.80 -36.94
N PHE B 196 7.56 -6.64 -36.96
CA PHE B 196 7.60 -7.86 -37.81
C PHE B 196 8.02 -9.11 -37.01
N GLY B 197 8.24 -9.03 -35.71
CA GLY B 197 8.64 -10.21 -34.89
C GLY B 197 10.00 -10.75 -35.28
N LEU B 198 10.88 -9.90 -35.83
CA LEU B 198 12.21 -10.32 -36.30
C LEU B 198 13.19 -10.30 -35.10
N SER B 199 14.42 -10.74 -35.32
CA SER B 199 15.44 -10.83 -34.26
C SER B 199 16.84 -10.66 -34.83
N ILE B 200 17.82 -10.64 -33.93
CA ILE B 200 19.26 -10.56 -34.30
C ILE B 200 19.60 -11.72 -35.24
N ASP B 201 18.85 -12.82 -35.17
CA ASP B 201 19.14 -14.05 -35.95
C ASP B 201 18.41 -14.04 -37.30
N THR B 202 17.59 -13.03 -37.55
CA THR B 202 16.91 -12.92 -38.86
C THR B 202 17.98 -12.77 -39.95
N ASP B 203 17.75 -13.44 -41.09
CA ASP B 203 18.68 -13.38 -42.26
C ASP B 203 18.92 -11.91 -42.65
N PRO B 204 20.18 -11.44 -42.85
CA PRO B 204 20.44 -10.03 -43.17
C PRO B 204 19.70 -9.59 -44.45
N ASP B 205 19.62 -10.45 -45.46
CA ASP B 205 18.87 -10.12 -46.70
C ASP B 205 17.42 -9.81 -46.36
N THR B 206 16.83 -10.56 -45.42
CA THR B 206 15.41 -10.35 -45.03
C THR B 206 15.30 -8.99 -44.33
N VAL B 207 16.23 -8.67 -43.44
CA VAL B 207 16.31 -7.35 -42.77
C VAL B 207 16.39 -6.26 -43.84
N ILE B 208 17.33 -6.38 -44.77
CA ILE B 208 17.53 -5.34 -45.83
C ILE B 208 16.22 -5.19 -46.63
N SER B 209 15.65 -6.32 -47.06
CA SER B 209 14.38 -6.37 -47.83
C SER B 209 13.30 -5.60 -47.08
N TYR B 210 13.10 -5.93 -45.81
CA TYR B 210 12.06 -5.30 -44.95
C TYR B 210 12.32 -3.79 -44.86
N LYS B 211 13.53 -3.35 -44.59
CA LYS B 211 13.81 -1.90 -44.47
C LYS B 211 13.50 -1.19 -45.78
N GLN B 212 13.82 -1.81 -46.92
CA GLN B 212 13.56 -1.14 -48.23
C GLN B 212 12.05 -1.05 -48.47
N PHE B 213 11.32 -2.11 -48.12
CA PHE B 213 9.85 -2.22 -48.26
C PHE B 213 9.18 -1.13 -47.39
N ILE B 214 9.65 -0.97 -46.16
CA ILE B 214 9.11 0.05 -45.22
C ILE B 214 9.36 1.45 -45.80
N ALA B 215 10.59 1.73 -46.22
CA ALA B 215 10.94 3.08 -46.73
C ALA B 215 10.12 3.37 -47.99
N GLU B 216 10.00 2.39 -48.90
CA GLU B 216 9.23 2.60 -50.16
C GLU B 216 7.75 2.80 -49.81
N SER B 217 7.23 2.02 -48.86
CA SER B 217 5.79 2.05 -48.50
C SER B 217 5.41 3.37 -47.82
N MET B 218 6.32 3.97 -47.09
CA MET B 218 6.08 5.19 -46.28
C MET B 218 6.34 6.46 -47.09
N LYS B 219 6.90 6.36 -48.30
CA LYS B 219 7.47 7.51 -49.07
C LYS B 219 6.48 8.67 -49.18
N ASP B 220 5.24 8.39 -49.58
CA ASP B 220 4.19 9.42 -49.84
C ASP B 220 3.64 9.95 -48.50
N VAL B 221 3.42 9.09 -47.52
CA VAL B 221 3.00 9.50 -46.14
C VAL B 221 4.06 10.47 -45.58
N LYS B 222 5.33 10.12 -45.69
CA LYS B 222 6.44 10.94 -45.17
C LYS B 222 6.53 12.25 -45.97
N SER B 223 6.39 12.20 -47.29
CA SER B 223 6.47 13.40 -48.16
C SER B 223 5.37 14.39 -47.75
N ASP B 224 4.14 13.90 -47.56
CA ASP B 224 3.00 14.77 -47.19
C ASP B 224 3.19 15.29 -45.77
N PHE B 225 3.71 14.46 -44.89
CA PHE B 225 3.87 14.85 -43.47
C PHE B 225 4.97 15.92 -43.35
N ASP B 226 6.09 15.74 -44.02
CA ASP B 226 7.22 16.69 -44.03
C ASP B 226 6.75 18.06 -44.58
N GLU B 227 5.94 18.08 -45.62
CA GLU B 227 5.32 19.36 -46.09
C GLU B 227 4.58 20.05 -44.94
N TRP B 228 3.84 19.30 -44.13
CA TRP B 228 3.08 19.88 -43.01
C TRP B 228 4.07 20.45 -41.98
N LEU B 229 5.11 19.68 -41.63
CA LEU B 229 6.18 20.13 -40.73
C LEU B 229 6.76 21.45 -41.24
N VAL B 230 7.08 21.54 -42.54
CA VAL B 230 7.71 22.75 -43.12
C VAL B 230 6.73 23.93 -43.00
N SER B 231 5.43 23.70 -43.24
CA SER B 231 4.41 24.76 -43.20
C SER B 231 4.37 25.35 -41.78
N LYS B 232 4.86 24.59 -40.78
CA LYS B 232 4.84 25.03 -39.35
C LYS B 232 6.27 25.36 -38.89
N GLY B 233 7.21 25.51 -39.81
CA GLY B 233 8.61 25.92 -39.55
C GLY B 233 9.40 24.84 -38.83
N VAL B 234 9.07 23.56 -39.03
CA VAL B 234 9.88 22.46 -38.45
C VAL B 234 10.67 21.77 -39.57
N LYS B 235 11.97 21.59 -39.36
CA LYS B 235 12.84 20.85 -40.29
C LYS B 235 12.51 19.35 -40.19
N PRO B 236 12.15 18.69 -41.31
CA PRO B 236 11.92 17.25 -41.29
C PRO B 236 13.15 16.43 -40.87
N GLU B 237 12.92 15.23 -40.36
CA GLU B 237 13.96 14.19 -40.16
C GLU B 237 14.31 13.59 -41.53
N PRO B 238 15.55 13.11 -41.76
CA PRO B 238 15.87 12.42 -43.02
C PRO B 238 15.00 11.16 -43.31
N PHE B 239 14.65 10.35 -42.32
CA PHE B 239 13.96 9.05 -42.56
C PHE B 239 12.67 8.95 -41.72
N ALA B 240 12.75 9.26 -40.42
CA ALA B 240 11.65 9.12 -39.44
C ALA B 240 10.62 10.23 -39.70
N ILE B 241 9.38 10.02 -39.23
CA ILE B 241 8.36 11.09 -39.07
C ILE B 241 8.02 11.31 -37.59
N SER B 242 8.84 10.80 -36.66
CA SER B 242 8.77 11.03 -35.20
C SER B 242 10.13 11.53 -34.74
N LYS B 243 10.22 12.81 -34.39
CA LYS B 243 11.51 13.42 -33.98
C LYS B 243 11.90 12.93 -32.59
N SER B 244 13.12 12.41 -32.45
CA SER B 244 13.60 12.04 -31.10
C SER B 244 13.84 13.33 -30.32
N SER B 245 13.46 13.37 -29.05
CA SER B 245 13.74 14.56 -28.22
C SER B 245 15.25 14.85 -28.13
N PRO B 246 15.74 16.10 -28.32
CA PRO B 246 17.13 16.40 -28.06
C PRO B 246 17.41 16.45 -26.55
N TYR B 247 16.37 16.41 -25.72
CA TYR B 247 16.50 16.42 -24.25
C TYR B 247 16.61 14.98 -23.74
N LEU B 248 15.57 14.18 -23.88
CA LEU B 248 15.53 12.80 -23.36
C LEU B 248 14.36 12.05 -23.97
N ASN B 249 14.51 10.74 -24.14
CA ASN B 249 13.49 9.85 -24.74
C ASN B 249 13.27 8.66 -23.80
N VAL B 250 12.16 8.65 -23.07
CA VAL B 250 11.93 7.64 -22.02
C VAL B 250 11.10 6.52 -22.64
N TYR B 251 11.34 5.27 -22.22
CA TYR B 251 10.55 4.09 -22.66
C TYR B 251 10.31 3.18 -21.46
N SER B 252 9.33 2.27 -21.59
N SER B 252 9.33 2.28 -21.57
CA SER B 252 8.86 1.35 -20.54
CA SER B 252 8.92 1.35 -20.50
C SER B 252 9.15 -0.09 -20.98
C SER B 252 9.18 -0.07 -20.99
N PHE B 253 10.19 -0.71 -20.42
CA PHE B 253 10.55 -2.10 -20.74
C PHE B 253 11.42 -2.63 -19.62
N PRO B 254 11.16 -3.83 -19.10
CA PRO B 254 11.99 -4.40 -18.05
C PRO B 254 13.44 -4.55 -18.55
N SER B 255 14.41 -4.18 -17.70
CA SER B 255 15.86 -4.44 -17.92
C SER B 255 16.03 -5.85 -18.45
N ASP B 256 15.40 -6.83 -17.81
CA ASP B 256 15.67 -8.26 -18.13
C ASP B 256 15.32 -8.58 -19.60
N LEU B 257 14.41 -7.83 -20.21
CA LEU B 257 13.88 -8.11 -21.56
C LEU B 257 14.50 -7.19 -22.62
N ASP B 258 15.20 -6.15 -22.21
CA ASP B 258 15.63 -5.08 -23.15
C ASP B 258 16.65 -5.67 -24.11
N TYR B 259 16.83 -5.00 -25.25
CA TYR B 259 17.58 -5.48 -26.45
C TYR B 259 19.10 -5.24 -26.30
N SER B 260 19.67 -5.75 -25.21
CA SER B 260 21.12 -5.64 -24.90
C SER B 260 21.93 -6.30 -26.01
N GLU B 261 21.33 -7.19 -26.82
CA GLU B 261 22.05 -7.82 -27.96
C GLU B 261 22.31 -6.74 -29.03
N PHE B 262 21.61 -5.60 -29.03
CA PHE B 262 21.86 -4.46 -29.94
C PHE B 262 22.58 -3.31 -29.21
N GLY B 263 23.19 -3.59 -28.05
CA GLY B 263 24.00 -2.60 -27.32
C GLY B 263 23.23 -2.06 -26.12
N PRO B 264 23.77 -1.00 -25.49
CA PRO B 264 23.20 -0.48 -24.25
C PRO B 264 21.94 0.34 -24.57
N VAL B 265 21.30 0.88 -23.53
CA VAL B 265 20.19 1.84 -23.70
C VAL B 265 20.62 2.85 -24.76
N PRO B 266 19.82 3.04 -25.84
CA PRO B 266 20.21 3.94 -26.92
C PRO B 266 20.47 5.37 -26.45
N ASP B 267 21.32 6.05 -27.21
CA ASP B 267 21.78 7.44 -26.91
C ASP B 267 20.56 8.36 -26.74
N LYS B 268 20.57 9.24 -25.73
CA LYS B 268 19.45 10.20 -25.47
C LYS B 268 18.16 9.47 -25.04
N CYS B 269 18.26 8.18 -24.71
CA CYS B 269 17.11 7.38 -24.22
C CYS B 269 17.28 7.02 -22.74
N PHE B 270 16.18 6.82 -22.07
CA PHE B 270 16.17 6.44 -20.64
C PHE B 270 15.16 5.31 -20.47
N ARG B 271 15.60 4.18 -19.93
CA ARG B 271 14.70 3.03 -19.65
C ARG B 271 14.05 3.17 -18.28
N LEU B 272 12.72 3.15 -18.24
CA LEU B 272 11.97 2.85 -16.98
C LEU B 272 11.55 1.39 -17.11
N ASP B 273 11.72 0.60 -16.05
CA ASP B 273 11.37 -0.84 -16.05
C ASP B 273 9.86 -1.03 -16.26
N HIS B 274 9.04 -0.10 -15.78
CA HIS B 274 7.56 -0.12 -15.97
C HIS B 274 6.98 1.30 -15.78
N MET B 275 5.75 1.49 -16.28
CA MET B 275 4.94 2.70 -16.04
C MET B 275 3.54 2.25 -15.59
N VAL B 276 3.51 1.27 -14.69
CA VAL B 276 2.26 0.64 -14.22
C VAL B 276 1.52 1.60 -13.27
N ARG B 277 0.26 1.93 -13.61
CA ARG B 277 -0.60 2.68 -12.66
C ARG B 277 -1.01 1.57 -11.68
N LEU B 278 -0.73 1.73 -10.40
CA LEU B 278 -0.98 0.62 -9.44
C LEU B 278 -2.47 0.55 -9.10
N VAL B 279 -3.11 1.71 -9.07
CA VAL B 279 -4.57 1.85 -8.79
C VAL B 279 -5.29 2.11 -10.11
N GLN B 280 -6.38 1.40 -10.31
CA GLN B 280 -7.28 1.69 -11.45
C GLN B 280 -8.64 2.09 -10.89
N GLU B 281 -9.13 3.22 -11.40
CA GLU B 281 -10.41 3.84 -11.04
C GLU B 281 -11.47 3.38 -12.05
N ASP B 282 -11.87 2.11 -11.94
CA ASP B 282 -12.93 1.43 -12.72
C ASP B 282 -13.54 0.38 -11.80
N PRO B 283 -14.86 0.10 -11.91
CA PRO B 283 -15.42 -1.08 -11.27
C PRO B 283 -14.64 -2.31 -11.77
N LEU B 284 -14.64 -3.36 -10.96
CA LEU B 284 -14.04 -4.67 -11.33
C LEU B 284 -14.61 -5.08 -12.69
N GLY B 285 -15.94 -5.08 -12.83
CA GLY B 285 -16.68 -5.39 -14.08
C GLY B 285 -17.60 -6.59 -13.93
N PHE B 286 -17.44 -7.38 -12.87
CA PHE B 286 -18.20 -8.61 -12.55
C PHE B 286 -18.18 -8.81 -11.03
N ASP B 287 -18.96 -9.78 -10.56
CA ASP B 287 -19.04 -10.16 -9.12
C ASP B 287 -17.71 -10.76 -8.68
N GLU B 288 -17.09 -10.12 -7.68
CA GLU B 288 -15.83 -10.54 -7.04
C GLU B 288 -15.90 -11.99 -6.49
N LYS B 289 -17.09 -12.50 -6.18
CA LYS B 289 -17.24 -13.87 -5.62
C LYS B 289 -16.79 -14.92 -6.65
N PHE B 290 -16.62 -14.54 -7.91
CA PHE B 290 -16.01 -15.46 -8.92
C PHE B 290 -14.66 -15.98 -8.42
N PHE B 291 -13.88 -15.16 -7.71
CA PHE B 291 -12.52 -15.51 -7.25
C PHE B 291 -12.60 -16.55 -6.12
N ASP B 292 -13.80 -16.81 -5.61
CA ASP B 292 -13.99 -17.82 -4.52
C ASP B 292 -14.07 -19.22 -5.11
N ARG B 293 -14.39 -19.32 -6.40
CA ARG B 293 -14.48 -20.63 -7.09
C ARG B 293 -13.09 -21.28 -7.09
N PRO B 294 -12.97 -22.57 -6.73
CA PRO B 294 -11.67 -23.25 -6.70
C PRO B 294 -11.04 -23.42 -8.09
N GLY B 295 -9.73 -23.17 -8.21
CA GLY B 295 -9.06 -23.44 -9.48
C GLY B 295 -8.17 -22.31 -10.01
N LYS B 296 -7.24 -22.63 -10.90
CA LYS B 296 -6.38 -21.63 -11.56
C LYS B 296 -7.27 -20.61 -12.29
N LYS B 297 -6.92 -19.34 -12.20
CA LYS B 297 -7.65 -18.22 -12.82
C LYS B 297 -6.74 -17.65 -13.91
N ILE B 298 -7.31 -17.39 -15.06
CA ILE B 298 -6.58 -16.89 -16.25
C ILE B 298 -7.31 -15.64 -16.73
N LEU B 299 -6.59 -14.53 -16.85
CA LEU B 299 -7.11 -13.30 -17.49
C LEU B 299 -6.90 -13.46 -18.99
N PHE B 300 -8.00 -13.34 -19.73
CA PHE B 300 -7.99 -13.37 -21.20
C PHE B 300 -8.38 -11.98 -21.66
N SER B 301 -7.41 -11.24 -22.23
CA SER B 301 -7.62 -9.85 -22.66
C SER B 301 -6.77 -9.57 -23.91
N LEU B 302 -7.40 -9.25 -25.04
CA LEU B 302 -6.69 -8.79 -26.25
C LEU B 302 -6.64 -7.26 -26.25
N GLY B 303 -6.61 -6.69 -25.05
CA GLY B 303 -6.39 -5.24 -24.81
C GLY B 303 -7.68 -4.45 -24.90
N SER B 304 -7.53 -3.16 -25.17
CA SER B 304 -8.64 -2.19 -25.22
C SER B 304 -9.35 -2.23 -26.58
N MET B 305 -8.80 -2.87 -27.62
CA MET B 305 -9.40 -2.80 -28.99
C MET B 305 -9.44 -4.17 -29.69
N GLY B 306 -8.57 -5.12 -29.34
CA GLY B 306 -8.45 -6.40 -30.07
C GLY B 306 -9.72 -7.22 -30.00
N ALA B 307 -10.48 -7.11 -28.91
CA ALA B 307 -11.75 -7.83 -28.71
C ALA B 307 -12.83 -7.33 -29.67
N ALA B 308 -12.61 -6.23 -30.41
CA ALA B 308 -13.58 -5.78 -31.43
C ALA B 308 -13.54 -6.73 -32.64
N ASP B 309 -12.57 -7.63 -32.74
CA ASP B 309 -12.62 -8.78 -33.69
C ASP B 309 -13.49 -9.89 -33.09
N VAL B 310 -14.80 -9.75 -33.26
CA VAL B 310 -15.77 -10.54 -32.46
C VAL B 310 -15.67 -11.99 -32.90
N GLU B 311 -15.42 -12.24 -34.19
CA GLU B 311 -15.37 -13.63 -34.69
C GLU B 311 -14.14 -14.32 -34.11
N LEU B 312 -13.04 -13.60 -33.92
CA LEU B 312 -11.83 -14.13 -33.26
C LEU B 312 -12.17 -14.45 -31.79
N MET B 313 -12.84 -13.54 -31.09
CA MET B 313 -13.15 -13.73 -29.66
C MET B 313 -13.99 -15.01 -29.51
N LYS B 314 -14.94 -15.21 -30.42
CA LYS B 314 -15.88 -16.37 -30.39
C LYS B 314 -15.09 -17.67 -30.56
N ARG B 315 -14.17 -17.71 -31.51
CA ARG B 315 -13.32 -18.91 -31.74
C ARG B 315 -12.45 -19.20 -30.52
N LEU B 316 -11.78 -18.19 -29.98
CA LEU B 316 -10.86 -18.42 -28.83
C LEU B 316 -11.62 -18.83 -27.56
N VAL B 317 -12.76 -18.20 -27.28
CA VAL B 317 -13.56 -18.60 -26.09
C VAL B 317 -14.10 -20.02 -26.30
N GLY B 318 -14.44 -20.34 -27.54
CA GLY B 318 -14.85 -21.70 -27.94
C GLY B 318 -13.83 -22.72 -27.49
N ILE B 319 -12.56 -22.45 -27.77
CA ILE B 319 -11.42 -23.33 -27.35
C ILE B 319 -11.27 -23.30 -25.83
N LEU B 320 -11.27 -22.12 -25.23
CA LEU B 320 -10.95 -21.97 -23.79
C LEU B 320 -12.08 -22.59 -22.96
N GLY B 321 -13.28 -22.70 -23.54
CA GLY B 321 -14.42 -23.42 -22.93
C GLY B 321 -14.07 -24.86 -22.59
N LYS B 322 -13.11 -25.43 -23.32
CA LYS B 322 -12.66 -26.83 -23.11
C LYS B 322 -11.49 -26.87 -22.13
N SER B 323 -10.94 -25.73 -21.74
CA SER B 323 -9.80 -25.67 -20.79
C SER B 323 -10.37 -25.85 -19.38
N LYS B 324 -9.81 -26.76 -18.60
CA LYS B 324 -10.37 -27.09 -17.27
C LYS B 324 -9.77 -26.12 -16.25
N HIS B 325 -9.87 -24.82 -16.53
CA HIS B 325 -9.49 -23.71 -15.61
C HIS B 325 -10.60 -22.66 -15.65
N LEU B 326 -10.41 -21.56 -14.91
CA LEU B 326 -11.37 -20.44 -14.88
C LEU B 326 -10.77 -19.24 -15.60
N PHE B 327 -11.57 -18.58 -16.42
CA PHE B 327 -11.17 -17.43 -17.27
C PHE B 327 -12.00 -16.20 -16.91
N ILE B 328 -11.31 -15.06 -16.87
CA ILE B 328 -11.87 -13.69 -16.77
C ILE B 328 -11.58 -13.03 -18.10
N VAL B 329 -12.64 -12.58 -18.78
CA VAL B 329 -12.55 -12.13 -20.18
C VAL B 329 -12.87 -10.63 -20.30
N SER B 330 -11.96 -9.89 -20.91
CA SER B 330 -12.22 -8.50 -21.40
C SER B 330 -12.92 -8.64 -22.75
N LYS B 331 -14.23 -8.50 -22.76
CA LYS B 331 -15.07 -8.89 -23.92
C LYS B 331 -15.09 -7.80 -24.99
N GLY B 332 -14.84 -6.54 -24.65
CA GLY B 332 -14.66 -5.46 -25.62
C GLY B 332 -15.95 -4.81 -26.08
N LEU B 333 -15.84 -3.98 -27.11
CA LEU B 333 -16.89 -3.05 -27.62
C LEU B 333 -18.15 -3.85 -28.00
N PHE B 334 -17.99 -5.05 -28.58
CA PHE B 334 -19.15 -5.83 -29.06
C PHE B 334 -19.41 -6.98 -28.10
N HIS B 335 -19.20 -6.74 -26.80
CA HIS B 335 -19.43 -7.75 -25.73
C HIS B 335 -20.85 -8.33 -25.83
N ASP B 336 -21.81 -7.55 -26.30
CA ASP B 336 -23.25 -7.93 -26.28
C ASP B 336 -23.55 -8.97 -27.38
N LYS B 337 -22.61 -9.19 -28.31
CA LYS B 337 -22.87 -10.07 -29.48
C LYS B 337 -22.36 -11.51 -29.29
N TYR B 338 -21.89 -11.87 -28.10
CA TYR B 338 -21.44 -13.25 -27.83
C TYR B 338 -21.46 -13.52 -26.32
N GLU B 339 -21.56 -14.80 -25.98
CA GLU B 339 -21.67 -15.29 -24.59
C GLU B 339 -20.39 -16.03 -24.22
N LEU B 340 -20.14 -16.18 -22.93
CA LEU B 340 -19.04 -16.98 -22.35
C LEU B 340 -19.61 -18.27 -21.77
N PRO B 341 -18.87 -19.39 -21.91
CA PRO B 341 -19.31 -20.63 -21.26
C PRO B 341 -19.07 -20.58 -19.76
N GLU B 342 -19.50 -21.66 -19.11
CA GLU B 342 -19.69 -21.80 -17.66
C GLU B 342 -18.38 -21.59 -16.90
N ASN B 343 -17.22 -21.86 -17.51
CA ASN B 343 -15.91 -21.72 -16.78
C ASN B 343 -15.36 -20.29 -16.92
N MET B 344 -16.19 -19.33 -17.29
CA MET B 344 -15.72 -17.95 -17.57
C MET B 344 -16.65 -16.87 -17.01
N ILE B 345 -16.07 -15.69 -16.76
CA ILE B 345 -16.82 -14.47 -16.38
C ILE B 345 -16.16 -13.32 -17.15
N GLY B 346 -16.90 -12.28 -17.47
CA GLY B 346 -16.37 -11.18 -18.26
C GLY B 346 -17.33 -10.02 -18.32
N ALA B 347 -16.89 -8.99 -19.03
CA ALA B 347 -17.60 -7.71 -19.18
C ALA B 347 -16.88 -6.91 -20.26
N LYS B 348 -17.50 -5.84 -20.73
CA LYS B 348 -16.92 -5.03 -21.82
C LYS B 348 -15.51 -4.55 -21.45
N PHE B 349 -15.28 -4.18 -20.19
CA PHE B 349 -14.02 -3.55 -19.78
C PHE B 349 -13.78 -3.84 -18.30
N LEU B 350 -12.57 -4.31 -17.96
CA LEU B 350 -12.28 -4.84 -16.60
C LEU B 350 -11.30 -3.90 -15.87
N ASN B 351 -11.32 -3.97 -14.55
CA ASN B 351 -10.26 -3.37 -13.73
C ASN B 351 -9.08 -4.34 -13.73
N GLN B 352 -8.18 -4.17 -14.69
CA GLN B 352 -7.09 -5.13 -14.96
C GLN B 352 -6.04 -5.04 -13.84
N MET B 353 -5.85 -3.88 -13.22
CA MET B 353 -4.93 -3.75 -12.06
C MET B 353 -5.44 -4.57 -10.87
N ALA B 354 -6.75 -4.65 -10.65
CA ALA B 354 -7.33 -5.41 -9.54
C ALA B 354 -7.27 -6.91 -9.83
N ILE B 355 -7.28 -7.30 -11.10
CA ILE B 355 -7.43 -8.71 -11.51
C ILE B 355 -6.05 -9.38 -11.53
N LEU B 356 -5.04 -8.67 -12.00
CA LEU B 356 -3.71 -9.26 -12.34
C LEU B 356 -3.12 -9.95 -11.13
N PRO B 357 -3.09 -9.36 -9.91
CA PRO B 357 -2.53 -10.08 -8.78
C PRO B 357 -3.31 -11.33 -8.34
N ARG B 358 -4.51 -11.58 -8.87
CA ARG B 358 -5.39 -12.70 -8.44
C ARG B 358 -5.44 -13.82 -9.51
N VAL B 359 -4.65 -13.74 -10.58
CA VAL B 359 -4.66 -14.77 -11.66
C VAL B 359 -3.29 -15.46 -11.68
N ASP B 360 -3.21 -16.55 -12.41
CA ASP B 360 -2.01 -17.43 -12.46
C ASP B 360 -1.37 -17.32 -13.84
N LEU B 361 -2.07 -16.74 -14.80
CA LEU B 361 -1.65 -16.72 -16.21
C LEU B 361 -2.46 -15.63 -16.91
N VAL B 362 -1.80 -14.97 -17.86
CA VAL B 362 -2.45 -13.95 -18.73
C VAL B 362 -2.38 -14.45 -20.17
N ILE B 363 -3.50 -14.43 -20.88
CA ILE B 363 -3.58 -14.66 -22.33
C ILE B 363 -3.90 -13.28 -22.92
N HIS B 364 -3.00 -12.70 -23.70
CA HIS B 364 -3.19 -11.33 -24.22
C HIS B 364 -2.62 -11.24 -25.63
N HIS B 365 -2.72 -10.04 -26.18
CA HIS B 365 -2.33 -9.68 -27.56
C HIS B 365 -0.89 -9.18 -27.65
N GLY B 366 -0.16 -9.03 -26.54
CA GLY B 366 1.23 -8.55 -26.60
C GLY B 366 1.29 -7.04 -26.60
N GLY B 367 0.15 -6.37 -26.35
CA GLY B 367 0.20 -4.90 -26.10
C GLY B 367 1.21 -4.61 -25.01
N ASN B 368 2.04 -3.58 -25.15
CA ASN B 368 3.21 -3.35 -24.27
C ASN B 368 2.73 -3.08 -22.83
N ASN B 369 1.60 -2.37 -22.63
CA ASN B 369 1.12 -2.10 -21.25
C ASN B 369 0.71 -3.44 -20.60
N THR B 370 -0.15 -4.22 -21.25
CA THR B 370 -0.61 -5.51 -20.69
C THR B 370 0.59 -6.43 -20.44
N PHE B 371 1.55 -6.44 -21.35
CA PHE B 371 2.73 -7.33 -21.26
C PHE B 371 3.55 -6.97 -20.03
N VAL B 372 3.85 -5.67 -19.86
CA VAL B 372 4.65 -5.23 -18.69
C VAL B 372 3.83 -5.34 -17.41
N GLU B 373 2.53 -5.05 -17.42
CA GLU B 373 1.66 -5.21 -16.21
C GLU B 373 1.71 -6.69 -15.75
N SER B 374 1.62 -7.65 -16.68
CA SER B 374 1.60 -9.09 -16.32
C SER B 374 2.94 -9.48 -15.70
N LEU B 375 4.05 -8.97 -16.21
CA LEU B 375 5.40 -9.24 -15.63
C LEU B 375 5.55 -8.51 -14.30
N TYR B 376 4.99 -7.30 -14.15
CA TYR B 376 5.04 -6.54 -12.88
C TYR B 376 4.51 -7.45 -11.75
N PHE B 377 3.47 -8.21 -12.04
CA PHE B 377 2.81 -9.09 -11.04
C PHE B 377 3.39 -10.51 -11.08
N GLY B 378 4.45 -10.75 -11.84
CA GLY B 378 5.11 -12.07 -11.85
C GLY B 378 4.27 -13.15 -12.52
N LYS B 379 3.55 -12.85 -13.61
CA LYS B 379 2.63 -13.80 -14.27
C LYS B 379 3.22 -14.17 -15.63
N PRO B 380 3.23 -15.48 -15.98
CA PRO B 380 3.59 -15.90 -17.35
C PRO B 380 2.47 -15.48 -18.30
N SER B 381 2.78 -15.45 -19.58
CA SER B 381 1.84 -15.05 -20.66
C SER B 381 1.76 -16.08 -21.79
N ILE B 382 0.57 -16.21 -22.36
CA ILE B 382 0.38 -16.60 -23.78
C ILE B 382 0.08 -15.32 -24.55
N VAL B 383 0.91 -15.05 -25.53
CA VAL B 383 0.85 -13.81 -26.36
C VAL B 383 0.31 -14.21 -27.73
N LEU B 384 -0.78 -13.56 -28.14
CA LEU B 384 -1.46 -13.77 -29.42
C LEU B 384 -1.42 -12.44 -30.21
N PRO B 385 -0.29 -12.12 -30.87
CA PRO B 385 -0.12 -10.79 -31.46
C PRO B 385 -1.12 -10.53 -32.59
N LEU B 386 -1.71 -9.34 -32.60
CA LEU B 386 -2.61 -8.90 -33.68
C LEU B 386 -1.81 -8.09 -34.70
N PHE B 387 -1.10 -7.02 -34.28
CA PHE B 387 -0.36 -6.13 -35.22
C PHE B 387 0.65 -5.25 -34.49
N GLY B 388 1.60 -4.73 -35.28
CA GLY B 388 2.58 -3.72 -34.86
C GLY B 388 3.53 -4.31 -33.83
N ASP B 389 3.81 -3.55 -32.78
CA ASP B 389 4.82 -3.90 -31.77
C ASP B 389 4.43 -5.20 -31.06
N GLN B 390 3.15 -5.60 -31.09
CA GLN B 390 2.67 -6.85 -30.45
C GLN B 390 3.49 -8.04 -31.00
N HIS B 391 3.81 -8.07 -32.29
CA HIS B 391 4.61 -9.17 -32.88
C HIS B 391 5.96 -9.26 -32.16
N ASP B 392 6.54 -8.13 -31.81
CA ASP B 392 7.86 -8.05 -31.16
C ASP B 392 7.77 -8.56 -29.72
N ASN B 393 6.70 -8.25 -29.01
CA ASN B 393 6.49 -8.74 -27.62
C ASN B 393 6.22 -10.24 -27.65
N GLY B 394 5.46 -10.72 -28.64
CA GLY B 394 5.26 -12.19 -28.80
C GLY B 394 6.59 -12.90 -29.03
N ARG B 395 7.44 -12.40 -29.92
CA ARG B 395 8.78 -12.97 -30.19
C ARG B 395 9.63 -12.87 -28.92
N ARG B 396 9.53 -11.77 -28.17
CA ARG B 396 10.40 -11.60 -26.97
C ARG B 396 9.98 -12.57 -25.86
N ALA B 397 8.69 -12.84 -25.71
CA ALA B 397 8.19 -13.81 -24.69
C ALA B 397 8.75 -15.21 -24.98
N GLU B 398 8.83 -15.63 -26.25
CA GLU B 398 9.37 -16.95 -26.65
C GLU B 398 10.88 -16.93 -26.47
N ASP B 399 11.55 -15.89 -26.96
CA ASP B 399 13.03 -15.85 -26.99
C ASP B 399 13.57 -15.78 -25.55
N LYS B 400 12.84 -15.16 -24.63
CA LYS B 400 13.30 -15.04 -23.21
C LYS B 400 12.64 -16.12 -22.35
N LYS B 401 11.88 -17.06 -22.92
CA LYS B 401 11.41 -18.26 -22.18
C LYS B 401 10.56 -17.80 -20.98
N ILE B 402 9.73 -16.79 -21.18
CA ILE B 402 8.79 -16.31 -20.13
C ILE B 402 7.33 -16.52 -20.57
N GLY B 403 7.11 -17.09 -21.75
CA GLY B 403 5.75 -17.49 -22.15
C GLY B 403 5.75 -18.16 -23.52
N ARG B 404 4.59 -18.21 -24.14
CA ARG B 404 4.41 -18.82 -25.46
C ARG B 404 3.69 -17.82 -26.34
N SER B 405 3.91 -17.88 -27.63
CA SER B 405 3.32 -16.92 -28.61
C SER B 405 2.65 -17.68 -29.75
N PHE B 406 1.46 -17.26 -30.19
CA PHE B 406 0.84 -17.93 -31.36
C PHE B 406 0.07 -16.88 -32.17
N ARG B 407 -0.16 -17.19 -33.45
CA ARG B 407 -1.00 -16.32 -34.30
C ARG B 407 -2.45 -16.56 -33.86
N PRO B 408 -3.19 -15.56 -33.31
CA PRO B 408 -4.52 -15.82 -32.74
C PRO B 408 -5.53 -16.46 -33.70
N HIS B 409 -5.50 -16.10 -34.99
CA HIS B 409 -6.47 -16.60 -36.00
C HIS B 409 -6.08 -18.03 -36.42
N HIS B 410 -4.86 -18.46 -36.11
CA HIS B 410 -4.37 -19.78 -36.60
C HIS B 410 -4.11 -20.77 -35.45
N VAL B 411 -4.04 -20.31 -34.21
CA VAL B 411 -3.64 -21.23 -33.10
C VAL B 411 -4.68 -22.35 -33.01
N THR B 412 -4.25 -23.59 -32.88
CA THR B 412 -5.15 -24.76 -32.79
C THR B 412 -5.65 -24.92 -31.34
N GLU B 413 -6.78 -25.61 -31.20
CA GLU B 413 -7.33 -25.98 -29.87
C GLU B 413 -6.24 -26.70 -29.09
N ASP B 414 -5.58 -27.67 -29.71
CA ASP B 414 -4.50 -28.48 -29.06
C ASP B 414 -3.35 -27.58 -28.59
N GLU B 415 -2.85 -26.69 -29.46
CA GLU B 415 -1.71 -25.81 -29.14
C GLU B 415 -2.01 -24.96 -27.89
N LEU B 416 -3.20 -24.35 -27.89
CA LEU B 416 -3.60 -23.36 -26.87
C LEU B 416 -3.89 -24.09 -25.57
N LEU B 417 -4.62 -25.21 -25.58
CA LEU B 417 -4.94 -25.92 -24.32
C LEU B 417 -3.66 -26.48 -23.71
N MET B 418 -2.75 -27.02 -24.52
CA MET B 418 -1.51 -27.65 -24.00
C MET B 418 -0.55 -26.55 -23.48
N ALA B 419 -0.49 -25.40 -24.14
CA ALA B 419 0.38 -24.27 -23.71
C ALA B 419 -0.09 -23.76 -22.33
N ILE B 420 -1.41 -23.69 -22.11
CA ILE B 420 -1.97 -23.24 -20.80
C ILE B 420 -1.49 -24.18 -19.69
N ASP B 421 -1.73 -25.49 -19.84
CA ASP B 421 -1.36 -26.46 -18.78
C ASP B 421 0.16 -26.44 -18.57
N GLU B 422 0.92 -26.36 -19.66
CA GLU B 422 2.40 -26.37 -19.56
C GLU B 422 2.91 -25.15 -18.77
N LEU B 423 2.34 -23.97 -19.02
CA LEU B 423 2.83 -22.74 -18.34
C LEU B 423 2.38 -22.77 -16.88
N LEU B 424 1.15 -23.20 -16.63
CA LEU B 424 0.61 -23.27 -15.25
C LEU B 424 1.47 -24.20 -14.39
N ASN B 425 2.03 -25.26 -14.99
CA ASN B 425 2.69 -26.34 -14.23
C ASN B 425 4.21 -26.23 -14.30
N ASP B 426 4.75 -25.25 -15.04
CA ASP B 426 6.22 -25.10 -15.21
C ASP B 426 6.80 -24.24 -14.06
N LYS B 427 7.30 -24.89 -13.02
CA LYS B 427 7.84 -24.23 -11.79
C LYS B 427 9.02 -23.33 -12.16
N GLU B 428 9.94 -23.82 -12.99
CA GLU B 428 11.17 -23.08 -13.35
C GLU B 428 10.76 -21.81 -14.12
N LEU B 429 9.84 -21.93 -15.07
CA LEU B 429 9.42 -20.73 -15.85
C LEU B 429 8.70 -19.75 -14.92
N ASN B 430 7.81 -20.23 -14.06
CA ASN B 430 7.08 -19.35 -13.10
C ASN B 430 8.08 -18.64 -12.17
N ASN B 431 9.15 -19.32 -11.75
CA ASN B 431 10.20 -18.72 -10.89
C ASN B 431 10.93 -17.61 -11.65
N ARG B 432 11.17 -17.79 -12.95
CA ARG B 432 11.90 -16.77 -13.75
C ARG B 432 11.03 -15.53 -13.94
N VAL B 433 9.74 -15.73 -14.18
CA VAL B 433 8.79 -14.59 -14.34
C VAL B 433 8.63 -13.86 -12.98
N LEU B 434 8.60 -14.58 -11.87
CA LEU B 434 8.57 -13.97 -10.49
C LEU B 434 9.84 -13.16 -10.28
N LYS B 435 10.98 -13.66 -10.70
CA LYS B 435 12.27 -12.94 -10.53
C LYS B 435 12.26 -11.66 -11.37
N ILE B 436 11.70 -11.71 -12.58
CA ILE B 436 11.58 -10.49 -13.42
C ILE B 436 10.66 -9.49 -12.69
N GLY B 437 9.55 -9.96 -12.11
CA GLY B 437 8.65 -9.10 -11.31
C GLY B 437 9.36 -8.41 -10.18
N GLU B 438 10.18 -9.18 -9.46
CA GLU B 438 10.96 -8.63 -8.33
C GLU B 438 11.92 -7.56 -8.86
N ASN B 439 12.62 -7.86 -9.95
CA ASN B 439 13.62 -6.91 -10.52
C ASN B 439 12.89 -5.61 -10.88
N ILE B 440 11.73 -5.71 -11.56
CA ILE B 440 10.89 -4.57 -11.97
C ILE B 440 10.53 -3.75 -10.72
N ARG B 441 10.04 -4.41 -9.67
CA ARG B 441 9.52 -3.70 -8.47
C ARG B 441 10.68 -3.11 -7.66
N ASN B 442 11.85 -3.72 -7.70
CA ASN B 442 13.05 -3.23 -6.97
C ASN B 442 13.70 -2.05 -7.71
N SER B 443 13.33 -1.80 -8.97
CA SER B 443 14.02 -0.80 -9.83
C SER B 443 13.92 0.59 -9.19
N LYS B 444 15.02 1.32 -9.20
CA LYS B 444 15.09 2.74 -8.79
C LYS B 444 15.15 3.63 -10.05
N SER B 445 14.82 3.07 -11.23
CA SER B 445 14.78 3.83 -12.52
C SER B 445 14.01 5.17 -12.36
N ILE B 446 12.86 5.15 -11.68
CA ILE B 446 12.01 6.36 -11.52
C ILE B 446 12.78 7.44 -10.76
N ASP B 447 13.55 7.05 -9.76
CA ASP B 447 14.29 8.02 -8.89
C ASP B 447 15.37 8.67 -9.76
N ASP B 448 16.02 7.89 -10.62
CA ASP B 448 17.08 8.44 -11.49
C ASP B 448 16.42 9.36 -12.55
N PHE B 449 15.25 8.97 -13.05
CA PHE B 449 14.53 9.76 -14.07
C PHE B 449 14.18 11.14 -13.51
N ASN B 450 13.64 11.20 -12.29
CA ASN B 450 13.25 12.45 -11.61
C ASN B 450 14.50 13.34 -11.43
N LYS B 451 15.65 12.76 -11.08
CA LYS B 451 16.91 13.54 -10.94
C LYS B 451 17.26 14.12 -12.32
N LYS B 452 17.18 13.28 -13.36
CA LYS B 452 17.56 13.71 -14.73
C LYS B 452 16.68 14.87 -15.19
N ILE B 453 15.37 14.79 -15.00
CA ILE B 453 14.45 15.86 -15.48
C ILE B 453 14.74 17.17 -14.73
N GLU B 454 15.12 17.10 -13.43
CA GLU B 454 15.43 18.32 -12.64
C GLU B 454 16.73 18.94 -13.19
N GLU B 455 17.72 18.13 -13.55
CA GLU B 455 18.98 18.58 -14.20
C GLU B 455 18.65 19.19 -15.57
N ILE B 456 17.76 18.59 -16.36
CA ILE B 456 17.40 19.10 -17.71
C ILE B 456 16.80 20.51 -17.56
N ILE B 457 15.90 20.68 -16.61
CA ILE B 457 15.19 21.96 -16.44
C ILE B 457 16.21 23.02 -16.00
N LYS B 458 17.16 22.66 -15.13
CA LYS B 458 18.20 23.61 -14.66
C LYS B 458 19.12 24.05 -15.81
N VAL B 459 19.61 23.11 -16.62
CA VAL B 459 20.58 23.44 -17.70
C VAL B 459 19.93 24.41 -18.71
N HIS B 460 18.67 24.18 -19.05
CA HIS B 460 18.04 25.00 -20.12
C HIS B 460 17.37 26.27 -19.58
N LYS B 461 17.40 26.48 -18.26
CA LYS B 461 16.84 27.73 -17.67
C LYS B 461 17.91 28.83 -17.68
N1 UDP C . 6.76 4.89 21.01
C2 UDP C . 7.56 6.01 20.73
N3 UDP C . 8.55 5.92 19.83
C4 UDP C . 8.78 4.78 19.19
C5 UDP C . 7.98 3.66 19.43
C6 UDP C . 6.96 3.74 20.37
O2 UDP C . 7.37 7.08 21.34
O4 UDP C . 9.69 4.72 18.35
C1' UDP C . 5.69 5.02 22.00
C2' UDP C . 4.34 5.15 21.33
O2' UDP C . 4.02 6.52 21.11
C3' UDP C . 3.39 4.52 22.31
C4' UDP C . 4.25 3.56 23.11
O4' UDP C . 5.61 3.84 22.81
O3' UDP C . 2.86 5.52 23.18
C5' UDP C . 3.93 2.12 22.73
O5' UDP C . 2.67 1.75 23.30
PA UDP C . 1.63 0.84 22.48
O1A UDP C . 0.46 0.52 23.37
O2A UDP C . 1.34 1.52 21.19
O3A UDP C . 2.45 -0.47 22.08
PB UDP C . 3.29 -1.43 23.06
O1B UDP C . 2.83 -1.10 24.45
O2B UDP C . 4.73 -1.11 22.77
O3B UDP C . 2.85 -2.77 22.57
N1 UDP D . -7.18 -2.48 -20.02
C2 UDP D . -7.97 -2.51 -18.87
N3 UDP D . -9.06 -3.28 -18.83
C4 UDP D . -9.40 -4.01 -19.88
C5 UDP D . -8.64 -4.01 -21.03
C6 UDP D . -7.50 -3.21 -21.08
O2 UDP D . -7.66 -1.82 -17.88
O4 UDP D . -10.42 -4.72 -19.82
C1' UDP D . -5.99 -1.62 -20.03
C2' UDP D . -4.75 -2.45 -19.78
O2' UDP D . -4.48 -2.51 -18.38
C3' UDP D . -3.68 -1.69 -20.53
C4' UDP D . -4.42 -0.97 -21.64
O4' UDP D . -5.81 -1.00 -21.30
O3' UDP D . -3.07 -0.73 -19.67
C5' UDP D . -4.21 -1.67 -22.97
O5' UDP D . -3.02 -1.18 -23.57
PA UDP D . -1.99 -2.18 -24.29
O1A UDP D . -1.85 -3.40 -23.43
O2A UDP D . -0.73 -1.42 -24.62
O3A UDP D . -2.71 -2.65 -25.65
PB UDP D . -3.58 -1.74 -26.66
O1B UDP D . -4.97 -1.77 -26.11
O2B UDP D . -3.45 -2.45 -27.98
O3B UDP D . -2.91 -0.40 -26.62
#